data_7OGQ
#
_entry.id   7OGQ
#
_cell.length_a   86.817
_cell.length_b   88.078
_cell.length_c   166.367
_cell.angle_alpha   90.000
_cell.angle_beta   90.000
_cell.angle_gamma   90.000
#
_symmetry.space_group_name_H-M   'P 2 21 21'
#
loop_
_entity.id
_entity.type
_entity.pdbx_description
1 polymer 'Receptor-like protein kinase HSL1'
2 polymer 'Somatic embryogenesis receptor kinase 1'
3 polymer 'Protein IDA-LIKE 2'
4 branched alpha-D-mannopyranose-(1-3)-beta-D-mannopyranose-(1-4)-2-acetamido-2-deoxy-beta-D-glucopyranose-(1-4)-[alpha-L-fucopyranose-(1-3)][alpha-L-fucopyranose-(1-6)]2-acetamido-2-deoxy-beta-D-glucopyranose
5 branched alpha-D-mannopyranose-(1-3)-[alpha-D-mannopyranose-(1-6)]beta-D-mannopyranose-(1-4)-2-acetamido-2-deoxy-beta-D-glucopyranose-(1-4)-2-acetamido-2-deoxy-beta-D-glucopyranose
6 branched beta-D-mannopyranose-(1-4)-2-acetamido-2-deoxy-beta-D-glucopyranose-(1-4)-2-acetamido-2-deoxy-beta-D-glucopyranose
7 branched alpha-D-mannopyranose-(1-3)-beta-D-mannopyranose-(1-4)-2-acetamido-2-deoxy-beta-D-glucopyranose-(1-4)-2-acetamido-2-deoxy-beta-D-glucopyranose
8 branched 2-acetamido-2-deoxy-beta-D-glucopyranose-(1-4)-[alpha-L-fucopyranose-(1-6)]2-acetamido-2-deoxy-beta-D-glucopyranose
9 branched 2-acetamido-2-deoxy-beta-D-glucopyranose-(1-4)-2-acetamido-2-deoxy-beta-D-glucopyranose
10 non-polymer 2-acetamido-2-deoxy-beta-D-glucopyranose
11 non-polymer 'SULFATE ION'
12 water water
#
loop_
_entity_poly.entity_id
_entity_poly.type
_entity_poly.pdbx_seq_one_letter_code
_entity_poly.pdbx_strand_id
1 'polypeptide(L)'
;GSSMDNQDGFILQQVKLSLDDPDSYLSSWNSNDASPCRWSGVSCAGDFSSVTSVDLSSANLAGPFPSVICRLSNLAHLSL
YNNSINSTLPLNIAACKSLQTLDLSQNLLTGELPQTLADIPTLVHLDLTGNNFSGDIPASFGKFENLEVLSLVYNLLDGT
IPPFLGNISTLKMLNLSYNPFSPSRIPPEFGNLTNLEVMWLTECHLVGQIPDSLGQLSKLVDLDLALNDLVGHIPPSLGG
LTNVVQIELYNNSLTGEIPPELGNLKSLRLLDASMNQLTGKIPDELCRVPLESLNLYENNLEGELPASIALSPNLYEIRI
FGNRLTGGLPKDLGLNSPLRWLDVSENEFSGDLPADLCAKGELEELLIIHNSFSGVIPESLADCRSLTRIRLAYNRFSGS
VPTGFWGLPHVNLLELVNNSFSGEISKSIGGASNLSLLILSNNEFTGSLPEEIGSLDNLNQLSASGNKFSGSLPDSLMSL
GELGTLDLHGNQFSGELTSGIKSWKKLNELNLADNEFTGKIPDEIGSLSVLNYLDLSGNMFSGKIPVSLQSLKLNQLNLS
YNRLSGDLPPSLAKDMYKNSFIGNPGLCGDIKGLCGSENEAKKRGYVLEGSENLYFQ
;
AAA
2 'polypeptide(L)'
;GSSMASANLEGDALHTLRVTLVDPNNVLQSWDPTLVNPCTWFHVTCNNENSVIRVDLGNAELSGHLVPELGVLKNLQYLE
LYSNNITGPIPSNLGNLTNLVSLDLYLNSFSGPIPESLGKLSKLRFLRLNNNSLTGSIPMSLTNITTLQVLDLSNNRLSG
SVPDNGSFSLFTPISFANNLDLCGPVTSHPCPLEGSLENLYFQ
;
BBB
3 'polypeptide(L)' YVPVPASG(HYP)SRKHN CCC
#
loop_
_chem_comp.id
_chem_comp.type
_chem_comp.name
_chem_comp.formula
BMA D-saccharide, beta linking beta-D-mannopyranose 'C6 H12 O6'
FUC L-saccharide, alpha linking alpha-L-fucopyranose 'C6 H12 O5'
MAN D-saccharide, alpha linking alpha-D-mannopyranose 'C6 H12 O6'
NAG D-saccharide, beta linking 2-acetamido-2-deoxy-beta-D-glucopyranose 'C8 H15 N O6'
SO4 non-polymer 'SULFATE ION' 'O4 S -2'
#
# COMPACT_ATOMS: atom_id res chain seq x y z
N GLY A 1 22.97 -2.82 -59.38
CA GLY A 1 22.36 -3.50 -60.55
C GLY A 1 21.23 -4.42 -60.13
N SER A 2 20.82 -5.33 -61.02
CA SER A 2 19.86 -6.44 -60.79
C SER A 2 20.20 -7.19 -59.49
N SER A 3 21.48 -7.51 -59.27
CA SER A 3 21.99 -8.21 -58.05
C SER A 3 21.45 -7.54 -56.80
N MET A 4 21.32 -6.20 -56.79
CA MET A 4 21.04 -5.41 -55.55
C MET A 4 19.57 -4.98 -55.43
N ASP A 5 18.68 -5.41 -56.33
CA ASP A 5 17.22 -5.08 -56.28
C ASP A 5 16.58 -5.79 -55.07
N ASN A 6 15.44 -5.27 -54.60
CA ASN A 6 14.71 -5.91 -53.48
C ASN A 6 13.21 -5.64 -53.68
N GLN A 7 12.39 -6.44 -52.99
CA GLN A 7 10.93 -6.27 -52.87
C GLN A 7 10.57 -5.86 -51.44
N ASP A 8 11.36 -5.02 -50.78
CA ASP A 8 11.12 -4.66 -49.35
C ASP A 8 9.71 -4.08 -49.17
N GLY A 9 9.27 -3.20 -50.08
CA GLY A 9 7.93 -2.59 -49.98
C GLY A 9 6.83 -3.64 -50.06
N PHE A 10 7.01 -4.62 -50.94
CA PHE A 10 6.07 -5.75 -51.11
C PHE A 10 6.07 -6.62 -49.84
N ILE A 11 7.23 -6.91 -49.26
CA ILE A 11 7.31 -7.71 -48.01
C ILE A 11 6.53 -6.97 -46.91
N LEU A 12 6.71 -5.66 -46.85
CA LEU A 12 6.12 -4.85 -45.75
C LEU A 12 4.60 -4.79 -45.97
N GLN A 13 4.11 -4.75 -47.23
CA GLN A 13 2.65 -4.79 -47.50
C GLN A 13 2.07 -6.14 -47.03
N GLN A 14 2.84 -7.21 -47.06
CA GLN A 14 2.43 -8.53 -46.51
C GLN A 14 2.42 -8.50 -44.98
N VAL A 15 3.42 -7.88 -44.36
CA VAL A 15 3.37 -7.68 -42.88
C VAL A 15 2.05 -6.96 -42.53
N LYS A 16 1.76 -5.88 -43.24
CA LYS A 16 0.56 -5.04 -42.97
C LYS A 16 -0.72 -5.86 -43.10
N LEU A 17 -0.85 -6.68 -44.15
CA LEU A 17 -2.06 -7.51 -44.40
C LEU A 17 -2.19 -8.61 -43.34
N SER A 18 -1.13 -8.97 -42.65
CA SER A 18 -1.19 -10.07 -41.65
C SER A 18 -1.51 -9.52 -40.24
N LEU A 19 -1.62 -8.22 -40.04
CA LEU A 19 -1.81 -7.65 -38.67
C LEU A 19 -3.09 -6.81 -38.59
N ASP A 20 -3.81 -6.88 -37.48
CA ASP A 20 -4.92 -5.94 -37.17
C ASP A 20 -4.32 -4.59 -36.82
N ASP A 21 -4.83 -3.52 -37.42
CA ASP A 21 -4.30 -2.15 -37.21
C ASP A 21 -5.47 -1.22 -36.89
N PRO A 22 -6.11 -1.33 -35.70
CA PRO A 22 -7.31 -0.54 -35.40
C PRO A 22 -7.06 0.97 -35.42
N ASP A 23 -5.84 1.42 -35.06
CA ASP A 23 -5.55 2.87 -34.96
C ASP A 23 -4.90 3.39 -36.24
N SER A 24 -4.87 2.59 -37.31
CA SER A 24 -4.33 2.96 -38.65
C SER A 24 -2.87 3.48 -38.54
N TYR A 25 -2.05 2.84 -37.71
CA TYR A 25 -0.60 3.14 -37.62
C TYR A 25 0.08 2.94 -38.97
N LEU A 26 -0.41 1.99 -39.77
CA LEU A 26 0.18 1.64 -41.09
C LEU A 26 -0.50 2.35 -42.27
N SER A 27 -1.27 3.44 -42.12
CA SER A 27 -1.93 4.10 -43.28
C SER A 27 -0.88 4.66 -44.23
N SER A 28 0.29 5.06 -43.72
CA SER A 28 1.40 5.67 -44.51
C SER A 28 1.99 4.64 -45.47
N TRP A 29 1.73 3.35 -45.26
CA TRP A 29 2.29 2.22 -46.02
C TRP A 29 1.54 2.11 -47.35
N ASN A 30 1.89 3.00 -48.27
CA ASN A 30 1.17 3.20 -49.53
C ASN A 30 1.99 2.53 -50.64
N SER A 31 1.45 1.47 -51.21
CA SER A 31 2.11 0.64 -52.25
C SER A 31 2.39 1.47 -53.50
N ASN A 32 1.80 2.64 -53.69
CA ASN A 32 2.17 3.51 -54.84
C ASN A 32 3.50 4.22 -54.60
N ASP A 33 4.01 4.23 -53.37
CA ASP A 33 5.30 4.89 -53.07
C ASP A 33 6.39 4.14 -53.87
N ALA A 34 7.34 4.88 -54.43
CA ALA A 34 8.61 4.38 -54.99
C ALA A 34 9.43 3.62 -53.94
N SER A 35 9.37 4.01 -52.67
CA SER A 35 10.20 3.39 -51.60
C SER A 35 9.41 3.31 -50.30
N PRO A 36 9.62 2.26 -49.47
CA PRO A 36 8.99 2.19 -48.16
C PRO A 36 9.72 3.00 -47.06
N CYS A 37 10.84 3.66 -47.38
CA CYS A 37 11.69 4.28 -46.34
C CYS A 37 10.90 5.29 -45.49
N ARG A 38 9.97 6.05 -46.08
CA ARG A 38 9.26 7.12 -45.35
C ARG A 38 8.14 6.51 -44.49
N TRP A 39 7.79 5.24 -44.70
CA TRP A 39 6.66 4.60 -44.00
C TRP A 39 6.86 4.68 -42.48
N SER A 40 5.76 4.77 -41.73
CA SER A 40 5.76 4.78 -40.25
C SER A 40 6.48 3.53 -39.75
N GLY A 41 7.47 3.71 -38.87
CA GLY A 41 8.21 2.60 -38.23
C GLY A 41 9.40 2.17 -39.05
N VAL A 42 9.61 2.72 -40.24
CA VAL A 42 10.62 2.17 -41.18
C VAL A 42 11.83 3.11 -41.26
N SER A 43 13.03 2.57 -41.16
CA SER A 43 14.26 3.33 -41.45
C SER A 43 15.12 2.49 -42.39
N CYS A 44 15.72 3.14 -43.39
CA CYS A 44 16.65 2.50 -44.34
C CYS A 44 18.01 3.16 -44.19
N ALA A 45 19.00 2.52 -43.59
CA ALA A 45 20.36 3.09 -43.47
C ALA A 45 20.99 3.11 -44.87
N GLY A 46 21.89 4.06 -45.13
CA GLY A 46 22.49 4.35 -46.45
C GLY A 46 21.48 4.89 -47.43
N ASP A 47 21.94 5.47 -48.55
CA ASP A 47 21.09 5.91 -49.69
C ASP A 47 20.27 4.72 -50.20
N PHE A 48 20.81 3.50 -50.09
CA PHE A 48 20.17 2.23 -50.54
C PHE A 48 18.73 2.16 -50.03
N SER A 49 17.85 1.55 -50.83
CA SER A 49 16.41 1.40 -50.50
C SER A 49 16.19 0.15 -49.64
N SER A 50 17.26 -0.46 -49.11
CA SER A 50 17.11 -1.61 -48.19
C SER A 50 16.58 -1.13 -46.83
N VAL A 51 15.55 -1.79 -46.30
CA VAL A 51 15.03 -1.53 -44.93
C VAL A 51 16.00 -2.17 -43.94
N THR A 52 16.42 -1.40 -42.93
CA THR A 52 17.44 -1.83 -41.96
C THR A 52 16.83 -1.90 -40.57
N SER A 53 15.77 -1.14 -40.31
CA SER A 53 15.10 -1.17 -38.99
C SER A 53 13.58 -1.02 -39.15
N VAL A 54 12.85 -1.82 -38.37
CA VAL A 54 11.37 -1.66 -38.28
C VAL A 54 11.02 -1.48 -36.80
N ASP A 55 10.57 -0.29 -36.41
CA ASP A 55 10.09 -0.02 -35.03
C ASP A 55 8.59 0.26 -35.06
N LEU A 56 7.78 -0.76 -34.73
CA LEU A 56 6.31 -0.63 -34.65
C LEU A 56 5.83 -0.66 -33.19
N SER A 57 6.69 -0.20 -32.27
CA SER A 57 6.37 -0.22 -30.83
C SER A 57 5.18 0.69 -30.59
N SER A 58 4.32 0.30 -29.64
CA SER A 58 3.16 1.11 -29.17
C SER A 58 2.24 1.48 -30.35
N ALA A 59 2.02 0.59 -31.33
CA ALA A 59 1.19 0.90 -32.51
C ALA A 59 -0.22 0.31 -32.33
N ASN A 60 -0.45 -0.50 -31.30
CA ASN A 60 -1.75 -1.18 -31.02
C ASN A 60 -2.05 -2.20 -32.13
N LEU A 61 -1.04 -2.95 -32.56
CA LEU A 61 -1.10 -3.97 -33.63
C LEU A 61 -1.34 -5.35 -33.02
N ALA A 62 -2.13 -6.19 -33.70
CA ALA A 62 -2.56 -7.50 -33.15
C ALA A 62 -2.45 -8.58 -34.23
N GLY A 63 -2.07 -9.76 -33.78
CA GLY A 63 -1.89 -10.95 -34.63
C GLY A 63 -0.52 -11.54 -34.40
N PRO A 64 -0.22 -12.66 -35.08
CA PRO A 64 0.97 -13.46 -34.77
C PRO A 64 2.23 -12.75 -35.25
N PHE A 65 3.42 -13.23 -34.87
CA PHE A 65 4.68 -12.63 -35.39
C PHE A 65 4.66 -12.78 -36.92
N PRO A 66 4.83 -11.69 -37.70
CA PRO A 66 4.82 -11.78 -39.16
C PRO A 66 6.15 -12.33 -39.70
N SER A 67 6.29 -13.65 -39.85
CA SER A 67 7.56 -14.31 -40.22
C SER A 67 8.03 -13.84 -41.61
N VAL A 68 7.11 -13.39 -42.49
CA VAL A 68 7.46 -12.88 -43.85
C VAL A 68 8.46 -11.71 -43.77
N ILE A 69 8.51 -10.99 -42.65
CA ILE A 69 9.39 -9.79 -42.48
C ILE A 69 10.87 -10.21 -42.59
N CYS A 70 11.18 -11.45 -42.26
CA CYS A 70 12.55 -12.02 -42.37
C CYS A 70 13.05 -11.96 -43.82
N ARG A 71 12.15 -11.82 -44.79
CA ARG A 71 12.55 -11.66 -46.19
C ARG A 71 13.17 -10.27 -46.42
N LEU A 72 13.08 -9.32 -45.51
CA LEU A 72 13.89 -8.08 -45.57
C LEU A 72 15.35 -8.47 -45.29
N SER A 73 16.20 -8.45 -46.31
CA SER A 73 17.59 -8.98 -46.23
C SER A 73 18.46 -8.22 -45.22
N ASN A 74 18.27 -6.90 -45.10
CA ASN A 74 19.19 -6.04 -44.30
C ASN A 74 18.51 -5.60 -43.00
N LEU A 75 17.51 -6.35 -42.52
CA LEU A 75 16.79 -6.00 -41.28
C LEU A 75 17.71 -6.32 -40.11
N ALA A 76 18.21 -5.27 -39.43
CA ALA A 76 19.16 -5.41 -38.30
C ALA A 76 18.42 -5.15 -36.99
N HIS A 77 17.34 -4.37 -37.02
CA HIS A 77 16.64 -3.96 -35.79
C HIS A 77 15.13 -4.11 -35.98
N LEU A 78 14.48 -4.90 -35.13
CA LEU A 78 13.02 -5.07 -35.17
C LEU A 78 12.47 -4.82 -33.77
N SER A 79 11.51 -3.92 -33.64
CA SER A 79 10.80 -3.77 -32.35
C SER A 79 9.30 -3.88 -32.54
N LEU A 80 8.66 -4.82 -31.83
CA LEU A 80 7.17 -4.89 -31.73
C LEU A 80 6.74 -4.62 -30.29
N TYR A 81 7.55 -3.89 -29.54
CA TYR A 81 7.31 -3.58 -28.10
C TYR A 81 5.94 -2.95 -27.89
N ASN A 82 5.23 -3.39 -26.86
CA ASN A 82 3.95 -2.76 -26.43
C ASN A 82 2.91 -2.84 -27.58
N ASN A 83 2.61 -4.06 -28.02
CA ASN A 83 1.57 -4.30 -29.04
C ASN A 83 0.72 -5.47 -28.52
N SER A 84 -0.17 -6.01 -29.36
CA SER A 84 -0.96 -7.22 -29.00
C SER A 84 -0.52 -8.41 -29.86
N ILE A 85 0.77 -8.50 -30.17
CA ILE A 85 1.31 -9.64 -30.97
C ILE A 85 1.06 -10.92 -30.16
N ASN A 86 0.48 -11.95 -30.77
CA ASN A 86 -0.03 -13.12 -30.00
C ASN A 86 0.41 -14.44 -30.63
N SER A 87 -0.06 -15.54 -30.04
CA SER A 87 0.22 -16.92 -30.49
C SER A 87 1.67 -17.29 -30.15
N THR A 88 2.19 -18.39 -30.72
CA THR A 88 3.52 -18.92 -30.41
C THR A 88 4.54 -18.12 -31.22
N LEU A 89 5.76 -17.98 -30.73
CA LEU A 89 6.80 -17.31 -31.55
C LEU A 89 7.37 -18.38 -32.47
N PRO A 90 7.26 -18.25 -33.81
CA PRO A 90 7.60 -19.34 -34.73
C PRO A 90 9.10 -19.67 -34.78
N LEU A 91 9.42 -20.94 -35.00
CA LEU A 91 10.84 -21.40 -35.15
C LEU A 91 11.48 -20.75 -36.40
N ASN A 92 10.70 -20.22 -37.32
CA ASN A 92 11.23 -19.64 -38.58
C ASN A 92 11.63 -18.16 -38.35
N ILE A 93 11.66 -17.69 -37.10
CA ILE A 93 12.22 -16.34 -36.78
C ILE A 93 13.72 -16.32 -37.09
N ALA A 94 14.38 -17.48 -37.07
CA ALA A 94 15.82 -17.63 -37.39
C ALA A 94 16.11 -17.25 -38.84
N ALA A 95 15.07 -17.20 -39.70
CA ALA A 95 15.23 -16.74 -41.10
C ALA A 95 15.69 -15.28 -41.09
N CYS A 96 15.42 -14.56 -40.01
CA CYS A 96 15.85 -13.14 -39.85
C CYS A 96 17.33 -13.17 -39.45
N LYS A 97 18.20 -13.51 -40.38
CA LYS A 97 19.62 -13.84 -40.10
C LYS A 97 20.51 -12.61 -39.83
N SER A 98 20.04 -11.40 -40.17
CA SER A 98 20.83 -10.15 -39.97
C SER A 98 20.42 -9.42 -38.69
N LEU A 99 19.52 -9.96 -37.88
CA LEU A 99 18.95 -9.21 -36.72
C LEU A 99 20.00 -9.03 -35.60
N GLN A 100 20.30 -7.79 -35.23
CA GLN A 100 21.12 -7.46 -34.03
C GLN A 100 20.20 -7.17 -32.85
N THR A 101 19.08 -6.48 -33.08
CA THR A 101 18.08 -6.14 -32.02
C THR A 101 16.72 -6.80 -32.29
N LEU A 102 16.24 -7.59 -31.33
CA LEU A 102 14.87 -8.13 -31.36
C LEU A 102 14.17 -7.78 -30.05
N ASP A 103 13.18 -6.89 -30.12
CA ASP A 103 12.39 -6.46 -28.95
C ASP A 103 10.92 -6.83 -29.19
N LEU A 104 10.43 -7.88 -28.51
CA LEU A 104 9.02 -8.32 -28.59
C LEU A 104 8.39 -8.17 -27.22
N SER A 105 8.90 -7.24 -26.42
CA SER A 105 8.42 -7.04 -25.03
C SER A 105 6.98 -6.50 -25.01
N GLN A 106 6.23 -6.78 -23.94
CA GLN A 106 4.85 -6.27 -23.70
C GLN A 106 3.95 -6.70 -24.87
N ASN A 107 3.85 -8.01 -25.09
CA ASN A 107 2.96 -8.59 -26.12
C ASN A 107 2.20 -9.75 -25.48
N LEU A 108 1.42 -10.52 -26.27
CA LEU A 108 0.60 -11.64 -25.76
C LEU A 108 1.18 -12.95 -26.26
N LEU A 109 2.50 -13.01 -26.46
CA LEU A 109 3.18 -14.23 -26.97
C LEU A 109 3.06 -15.36 -25.95
N THR A 110 2.87 -16.58 -26.43
CA THR A 110 2.54 -17.77 -25.60
C THR A 110 3.34 -18.99 -26.10
N GLY A 111 3.33 -20.09 -25.35
CA GLY A 111 4.04 -21.33 -25.69
C GLY A 111 5.50 -21.25 -25.27
N GLU A 112 6.32 -22.10 -25.86
CA GLU A 112 7.73 -22.30 -25.47
C GLU A 112 8.60 -21.36 -26.28
N LEU A 113 9.78 -21.04 -25.76
CA LEU A 113 10.77 -20.22 -26.48
C LEU A 113 11.28 -21.04 -27.66
N PRO A 114 11.28 -20.47 -28.88
CA PRO A 114 11.83 -21.17 -30.04
C PRO A 114 13.36 -21.25 -29.92
N GLN A 115 13.90 -22.47 -29.89
CA GLN A 115 15.36 -22.72 -29.70
C GLN A 115 16.15 -22.09 -30.85
N THR A 116 15.50 -21.83 -31.98
CA THR A 116 16.12 -21.23 -33.20
C THR A 116 16.53 -19.76 -33.00
N LEU A 117 16.10 -19.11 -31.91
CA LEU A 117 16.59 -17.73 -31.63
C LEU A 117 18.13 -17.75 -31.51
N ALA A 118 18.67 -18.86 -31.03
CA ALA A 118 20.12 -19.05 -30.88
C ALA A 118 20.81 -19.15 -32.24
N ASP A 119 20.08 -19.34 -33.35
CA ASP A 119 20.67 -19.54 -34.71
C ASP A 119 20.67 -18.23 -35.51
N ILE A 120 20.49 -17.08 -34.85
CA ILE A 120 20.75 -15.74 -35.46
C ILE A 120 22.11 -15.30 -34.94
N PRO A 121 23.19 -15.47 -35.74
CA PRO A 121 24.54 -15.20 -35.27
C PRO A 121 24.80 -13.72 -34.95
N THR A 122 24.09 -12.79 -35.59
CA THR A 122 24.26 -11.31 -35.43
C THR A 122 23.56 -10.78 -34.17
N LEU A 123 22.73 -11.60 -33.49
CA LEU A 123 21.79 -11.14 -32.42
C LEU A 123 22.60 -10.67 -31.21
N VAL A 124 22.37 -9.43 -30.82
CA VAL A 124 23.06 -8.72 -29.70
C VAL A 124 22.06 -8.49 -28.58
N HIS A 125 20.82 -8.13 -28.91
CA HIS A 125 19.79 -7.70 -27.95
C HIS A 125 18.52 -8.51 -28.16
N LEU A 126 18.15 -9.35 -27.20
CA LEU A 126 16.90 -10.16 -27.21
C LEU A 126 16.06 -9.79 -25.99
N ASP A 127 14.89 -9.21 -26.24
CA ASP A 127 13.96 -8.75 -25.16
C ASP A 127 12.56 -9.33 -25.39
N LEU A 128 12.18 -10.30 -24.55
CA LEU A 128 10.87 -10.99 -24.57
C LEU A 128 10.09 -10.66 -23.31
N THR A 129 10.43 -9.56 -22.64
CA THR A 129 9.82 -9.17 -21.33
C THR A 129 8.30 -9.01 -21.50
N GLY A 130 7.53 -9.26 -20.45
CA GLY A 130 6.07 -8.97 -20.46
C GLY A 130 5.39 -9.81 -21.52
N ASN A 131 5.68 -11.11 -21.54
CA ASN A 131 5.01 -12.07 -22.46
C ASN A 131 4.53 -13.25 -21.62
N ASN A 132 3.96 -14.26 -22.27
CA ASN A 132 3.32 -15.41 -21.60
C ASN A 132 4.13 -16.67 -21.89
N PHE A 133 5.41 -16.56 -22.23
CA PHE A 133 6.26 -17.70 -22.61
C PHE A 133 6.39 -18.67 -21.42
N SER A 134 6.37 -19.97 -21.68
CA SER A 134 6.42 -21.02 -20.62
C SER A 134 7.41 -22.11 -20.99
N GLY A 135 7.58 -23.09 -20.09
CA GLY A 135 8.49 -24.23 -20.28
C GLY A 135 9.93 -23.88 -19.97
N ASP A 136 10.83 -24.79 -20.31
CA ASP A 136 12.28 -24.67 -20.02
C ASP A 136 12.90 -23.64 -20.96
N ILE A 137 13.99 -23.03 -20.53
CA ILE A 137 14.86 -22.21 -21.40
C ILE A 137 15.67 -23.21 -22.24
N PRO A 138 15.60 -23.15 -23.58
CA PRO A 138 16.26 -24.15 -24.42
C PRO A 138 17.80 -24.15 -24.29
N ALA A 139 18.40 -25.35 -24.39
CA ALA A 139 19.85 -25.60 -24.32
C ALA A 139 20.58 -24.77 -25.39
N SER A 140 19.89 -24.47 -26.49
CA SER A 140 20.46 -23.66 -27.60
C SER A 140 20.91 -22.29 -27.06
N PHE A 141 20.25 -21.75 -26.04
CA PHE A 141 20.56 -20.41 -25.46
C PHE A 141 22.00 -20.37 -24.92
N GLY A 142 22.61 -21.50 -24.54
CA GLY A 142 24.04 -21.53 -24.18
C GLY A 142 24.96 -21.25 -25.37
N LYS A 143 24.44 -21.28 -26.60
CA LYS A 143 25.30 -21.20 -27.81
C LYS A 143 25.19 -19.84 -28.51
N PHE A 144 24.55 -18.83 -27.93
CA PHE A 144 24.46 -17.49 -28.58
C PHE A 144 25.88 -16.99 -28.85
N GLU A 145 26.16 -16.60 -30.09
CA GLU A 145 27.52 -16.20 -30.52
C GLU A 145 27.85 -14.78 -30.08
N ASN A 146 26.93 -13.84 -30.21
CA ASN A 146 27.26 -12.42 -29.91
C ASN A 146 26.25 -11.76 -28.93
N LEU A 147 25.38 -12.53 -28.27
CA LEU A 147 24.30 -11.93 -27.46
C LEU A 147 24.93 -11.17 -26.27
N GLU A 148 24.53 -9.92 -26.07
CA GLU A 148 24.97 -9.09 -24.93
C GLU A 148 23.82 -8.92 -23.93
N VAL A 149 22.57 -8.99 -24.38
CA VAL A 149 21.37 -8.77 -23.52
C VAL A 149 20.38 -9.93 -23.73
N LEU A 150 20.12 -10.68 -22.66
CA LEU A 150 19.07 -11.72 -22.63
C LEU A 150 18.07 -11.29 -21.57
N SER A 151 16.88 -10.89 -21.98
CA SER A 151 15.81 -10.46 -21.07
C SER A 151 14.55 -11.30 -21.26
N LEU A 152 14.22 -12.12 -20.27
CA LEU A 152 13.03 -12.99 -20.29
C LEU A 152 12.14 -12.63 -19.11
N VAL A 153 12.18 -11.37 -18.67
CA VAL A 153 11.48 -10.90 -17.43
C VAL A 153 9.96 -10.94 -17.60
N TYR A 154 9.23 -11.25 -16.52
CA TYR A 154 7.75 -11.23 -16.43
C TYR A 154 7.15 -12.16 -17.50
N ASN A 155 7.57 -13.42 -17.47
CA ASN A 155 6.99 -14.48 -18.33
C ASN A 155 6.47 -15.56 -17.38
N LEU A 156 6.15 -16.73 -17.92
CA LEU A 156 5.62 -17.86 -17.12
C LEU A 156 6.62 -19.02 -17.22
N LEU A 157 7.92 -18.73 -17.37
CA LEU A 157 8.94 -19.81 -17.50
C LEU A 157 8.94 -20.62 -16.19
N ASP A 158 8.75 -21.94 -16.26
CA ASP A 158 8.51 -22.79 -15.06
C ASP A 158 9.60 -23.86 -14.90
N GLY A 159 10.70 -23.75 -15.63
CA GLY A 159 11.84 -24.66 -15.46
C GLY A 159 12.85 -24.17 -14.42
N THR A 160 13.91 -24.93 -14.18
CA THR A 160 15.02 -24.54 -13.28
C THR A 160 15.88 -23.53 -14.03
N ILE A 161 16.55 -22.62 -13.31
CA ILE A 161 17.49 -21.66 -13.94
C ILE A 161 18.65 -22.47 -14.52
N PRO A 162 18.96 -22.36 -15.84
CA PRO A 162 19.96 -23.21 -16.48
C PRO A 162 21.42 -22.77 -16.30
N PRO A 163 22.35 -23.67 -15.86
CA PRO A 163 23.76 -23.33 -15.79
C PRO A 163 24.39 -22.94 -17.13
N PHE A 164 23.86 -23.46 -18.24
CA PHE A 164 24.42 -23.22 -19.60
C PHE A 164 24.34 -21.72 -19.95
N LEU A 165 23.47 -20.93 -19.31
CA LEU A 165 23.38 -19.47 -19.57
C LEU A 165 24.70 -18.80 -19.18
N GLY A 166 25.50 -19.45 -18.35
CA GLY A 166 26.84 -18.99 -17.98
C GLY A 166 27.86 -19.19 -19.08
N ASN A 167 27.49 -19.90 -20.14
CA ASN A 167 28.38 -20.18 -21.29
C ASN A 167 28.29 -19.08 -22.34
N ILE A 168 27.43 -18.07 -22.19
CA ILE A 168 27.37 -16.95 -23.19
C ILE A 168 28.45 -15.92 -22.83
N SER A 169 29.63 -16.02 -23.42
CA SER A 169 30.82 -15.23 -23.03
C SER A 169 30.56 -13.74 -23.25
N THR A 170 29.81 -13.35 -24.29
CA THR A 170 29.62 -11.91 -24.64
C THR A 170 28.51 -11.26 -23.80
N LEU A 171 27.84 -12.01 -22.90
CA LEU A 171 26.61 -11.48 -22.25
C LEU A 171 26.96 -10.34 -21.29
N LYS A 172 26.22 -9.24 -21.36
CA LYS A 172 26.35 -8.07 -20.45
C LYS A 172 25.17 -8.00 -19.47
N MET A 173 23.99 -8.47 -19.85
CA MET A 173 22.80 -8.42 -18.96
C MET A 173 22.06 -9.74 -19.06
N LEU A 174 21.91 -10.40 -17.91
CA LEU A 174 21.02 -11.56 -17.70
C LEU A 174 19.84 -11.11 -16.84
N ASN A 175 18.68 -10.92 -17.46
CA ASN A 175 17.45 -10.40 -16.81
C ASN A 175 16.39 -11.49 -16.87
N LEU A 176 16.18 -12.28 -15.81
CA LEU A 176 15.23 -13.42 -15.77
C LEU A 176 14.16 -13.22 -14.70
N SER A 177 14.09 -12.02 -14.14
CA SER A 177 13.28 -11.66 -12.96
C SER A 177 11.80 -11.98 -13.22
N TYR A 178 11.04 -12.23 -12.16
CA TYR A 178 9.56 -12.38 -12.18
C TYR A 178 9.14 -13.50 -13.14
N ASN A 179 9.70 -14.70 -12.94
CA ASN A 179 9.25 -15.94 -13.63
C ASN A 179 8.93 -16.95 -12.56
N PRO A 180 7.87 -17.76 -12.70
CA PRO A 180 7.57 -18.82 -11.73
C PRO A 180 8.49 -20.03 -11.95
N PHE A 181 9.80 -19.81 -11.94
CA PHE A 181 10.81 -20.88 -12.13
C PHE A 181 10.65 -21.97 -11.06
N SER A 182 10.90 -23.23 -11.40
CA SER A 182 11.00 -24.34 -10.40
C SER A 182 12.15 -23.96 -9.46
N PRO A 183 12.04 -24.21 -8.14
CA PRO A 183 13.11 -23.84 -7.21
C PRO A 183 14.48 -24.31 -7.71
N SER A 184 15.45 -23.41 -7.76
CA SER A 184 16.78 -23.65 -8.37
C SER A 184 17.85 -22.86 -7.63
N ARG A 185 19.06 -23.38 -7.59
CA ARG A 185 20.20 -22.64 -6.98
C ARG A 185 20.76 -21.69 -8.06
N ILE A 186 21.47 -20.65 -7.66
CA ILE A 186 22.22 -19.81 -8.62
C ILE A 186 23.37 -20.66 -9.15
N PRO A 187 23.46 -20.93 -10.48
CA PRO A 187 24.54 -21.76 -10.99
C PRO A 187 25.87 -21.05 -10.75
N PRO A 188 26.86 -21.75 -10.15
CA PRO A 188 28.20 -21.20 -10.01
C PRO A 188 28.75 -20.71 -11.36
N GLU A 189 28.35 -21.33 -12.45
CA GLU A 189 28.87 -21.03 -13.82
C GLU A 189 28.62 -19.56 -14.16
N PHE A 190 27.65 -18.91 -13.51
CA PHE A 190 27.29 -17.50 -13.82
C PHE A 190 28.47 -16.59 -13.48
N GLY A 191 29.40 -17.09 -12.67
CA GLY A 191 30.68 -16.39 -12.39
C GLY A 191 31.61 -16.34 -13.59
N ASN A 192 31.37 -17.17 -14.61
CA ASN A 192 32.17 -17.20 -15.86
C ASN A 192 31.67 -16.14 -16.85
N LEU A 193 30.58 -15.43 -16.57
CA LEU A 193 30.09 -14.36 -17.47
C LEU A 193 30.96 -13.12 -17.27
N THR A 194 32.18 -13.11 -17.81
CA THR A 194 33.23 -12.15 -17.43
C THR A 194 32.82 -10.75 -17.87
N ASN A 195 31.97 -10.60 -18.88
CA ASN A 195 31.55 -9.27 -19.36
C ASN A 195 30.27 -8.80 -18.65
N LEU A 196 29.71 -9.57 -17.73
CA LEU A 196 28.36 -9.27 -17.16
C LEU A 196 28.37 -7.96 -16.37
N GLU A 197 27.41 -7.09 -16.68
CA GLU A 197 27.21 -5.79 -15.99
C GLU A 197 25.93 -5.84 -15.16
N VAL A 198 24.96 -6.66 -15.54
CA VAL A 198 23.65 -6.73 -14.82
C VAL A 198 23.25 -8.19 -14.60
N MET A 199 23.07 -8.61 -13.37
CA MET A 199 22.41 -9.90 -13.06
C MET A 199 21.11 -9.60 -12.33
N TRP A 200 19.97 -9.67 -13.02
CA TRP A 200 18.65 -9.32 -12.45
C TRP A 200 17.86 -10.61 -12.27
N LEU A 201 17.81 -11.15 -11.05
CA LEU A 201 17.16 -12.45 -10.77
C LEU A 201 16.14 -12.27 -9.64
N THR A 202 15.43 -11.15 -9.62
CA THR A 202 14.41 -10.85 -8.58
C THR A 202 13.22 -11.80 -8.75
N GLU A 203 12.74 -12.43 -7.67
CA GLU A 203 11.53 -13.27 -7.67
C GLU A 203 11.68 -14.39 -8.71
N CYS A 204 12.75 -15.17 -8.63
CA CYS A 204 13.01 -16.31 -9.54
C CYS A 204 12.96 -17.63 -8.76
N HIS A 205 12.38 -17.65 -7.56
CA HIS A 205 12.29 -18.85 -6.68
C HIS A 205 13.70 -19.46 -6.47
N LEU A 206 14.74 -18.62 -6.38
CA LEU A 206 16.14 -19.04 -6.11
C LEU A 206 16.22 -19.62 -4.70
N VAL A 207 17.00 -20.69 -4.52
CA VAL A 207 17.24 -21.35 -3.20
C VAL A 207 18.73 -21.57 -3.02
N GLY A 208 19.13 -22.01 -1.83
CA GLY A 208 20.54 -22.32 -1.50
C GLY A 208 21.34 -21.05 -1.31
N GLN A 209 22.66 -21.16 -1.38
CA GLN A 209 23.61 -20.10 -0.98
C GLN A 209 24.04 -19.31 -2.19
N ILE A 210 24.35 -18.04 -2.00
CA ILE A 210 24.99 -17.22 -3.05
C ILE A 210 26.37 -17.81 -3.33
N PRO A 211 26.68 -18.21 -4.57
CA PRO A 211 27.96 -18.84 -4.85
C PRO A 211 29.11 -17.83 -4.81
N ASP A 212 30.29 -18.27 -4.36
CA ASP A 212 31.48 -17.43 -4.22
C ASP A 212 31.91 -16.97 -5.61
N SER A 213 31.66 -17.81 -6.62
CA SER A 213 31.99 -17.49 -8.03
C SER A 213 31.53 -16.07 -8.37
N LEU A 214 30.40 -15.59 -7.81
CA LEU A 214 29.81 -14.31 -8.26
C LEU A 214 30.79 -13.15 -8.03
N GLY A 215 31.70 -13.29 -7.05
CA GLY A 215 32.75 -12.32 -6.75
C GLY A 215 33.71 -12.12 -7.90
N GLN A 216 33.76 -13.05 -8.87
CA GLN A 216 34.66 -12.98 -10.06
C GLN A 216 34.11 -11.99 -11.08
N LEU A 217 32.90 -11.46 -10.91
CA LEU A 217 32.25 -10.58 -11.92
C LEU A 217 32.75 -9.15 -11.76
N SER A 218 33.97 -8.87 -12.21
CA SER A 218 34.67 -7.57 -12.08
C SER A 218 33.90 -6.43 -12.78
N LYS A 219 33.07 -6.71 -13.78
CA LYS A 219 32.38 -5.64 -14.54
C LYS A 219 30.92 -5.51 -14.09
N LEU A 220 30.46 -6.30 -13.11
CA LEU A 220 29.04 -6.24 -12.65
C LEU A 220 28.74 -4.86 -12.04
N VAL A 221 27.59 -4.28 -12.39
CA VAL A 221 27.15 -2.94 -11.92
C VAL A 221 25.89 -3.13 -11.08
N ASP A 222 25.04 -4.09 -11.44
CA ASP A 222 23.82 -4.42 -10.65
C ASP A 222 23.81 -5.92 -10.37
N LEU A 223 23.88 -6.28 -9.09
CA LEU A 223 23.54 -7.63 -8.59
C LEU A 223 22.19 -7.52 -7.86
N ASP A 224 21.16 -8.19 -8.38
CA ASP A 224 19.80 -8.11 -7.78
C ASP A 224 19.26 -9.55 -7.65
N LEU A 225 19.27 -10.08 -6.43
CA LEU A 225 18.84 -11.47 -6.10
C LEU A 225 17.71 -11.38 -5.09
N ALA A 226 17.01 -10.26 -5.07
CA ALA A 226 15.94 -9.96 -4.09
C ALA A 226 14.71 -10.81 -4.38
N LEU A 227 13.84 -10.96 -3.40
CA LEU A 227 12.54 -11.67 -3.49
C LEU A 227 12.79 -13.14 -3.82
N ASN A 228 13.65 -13.81 -3.04
CA ASN A 228 13.97 -15.24 -3.26
C ASN A 228 14.07 -15.94 -1.91
N ASP A 229 14.46 -17.22 -1.88
CA ASP A 229 14.56 -17.98 -0.60
C ASP A 229 16.04 -18.37 -0.39
N LEU A 230 16.95 -17.51 -0.83
CA LEU A 230 18.41 -17.78 -0.66
C LEU A 230 18.73 -17.86 0.83
N VAL A 231 19.63 -18.78 1.20
CA VAL A 231 20.01 -19.02 2.62
C VAL A 231 21.53 -18.92 2.69
N GLY A 232 22.06 -18.90 3.92
CA GLY A 232 23.51 -18.80 4.16
C GLY A 232 23.91 -17.35 4.38
N HIS A 233 25.16 -17.03 4.13
CA HIS A 233 25.70 -15.69 4.46
C HIS A 233 25.82 -14.86 3.19
N ILE A 234 25.83 -13.53 3.34
CA ILE A 234 26.28 -12.64 2.23
C ILE A 234 27.77 -12.93 2.10
N PRO A 235 28.27 -13.56 1.00
CA PRO A 235 29.67 -13.96 0.90
C PRO A 235 30.68 -12.81 0.93
N PRO A 236 31.83 -12.96 1.61
CA PRO A 236 32.90 -11.94 1.55
C PRO A 236 33.45 -11.84 0.12
N SER A 237 33.21 -12.87 -0.70
CA SER A 237 33.62 -12.89 -2.12
C SER A 237 33.04 -11.68 -2.86
N LEU A 238 31.90 -11.15 -2.40
CA LEU A 238 31.24 -10.02 -3.09
C LEU A 238 32.10 -8.77 -3.01
N GLY A 239 33.17 -8.80 -2.23
CA GLY A 239 34.16 -7.68 -2.19
C GLY A 239 34.97 -7.62 -3.47
N GLY A 240 34.91 -8.67 -4.30
CA GLY A 240 35.59 -8.73 -5.61
C GLY A 240 34.80 -8.05 -6.71
N LEU A 241 33.59 -7.58 -6.43
CA LEU A 241 32.75 -6.88 -7.44
C LEU A 241 33.29 -5.44 -7.59
N THR A 242 34.39 -5.27 -8.31
CA THR A 242 35.13 -3.99 -8.39
C THR A 242 34.23 -2.87 -8.92
N ASN A 243 33.36 -3.14 -9.90
CA ASN A 243 32.57 -2.04 -10.53
C ASN A 243 31.13 -2.01 -10.00
N VAL A 244 30.76 -2.80 -9.00
CA VAL A 244 29.34 -2.90 -8.55
C VAL A 244 28.87 -1.55 -7.98
N VAL A 245 27.67 -1.12 -8.36
CA VAL A 245 27.04 0.14 -7.89
C VAL A 245 25.83 -0.18 -7.03
N GLN A 246 25.17 -1.30 -7.29
CA GLN A 246 23.91 -1.66 -6.61
C GLN A 246 23.89 -3.15 -6.26
N ILE A 247 23.62 -3.48 -5.00
CA ILE A 247 23.46 -4.89 -4.55
C ILE A 247 22.10 -4.96 -3.88
N GLU A 248 21.23 -5.85 -4.37
CA GLU A 248 19.87 -6.03 -3.81
C GLU A 248 19.73 -7.48 -3.34
N LEU A 249 19.57 -7.70 -2.04
CA LEU A 249 19.45 -9.06 -1.47
C LEU A 249 18.27 -9.11 -0.51
N TYR A 250 17.36 -8.14 -0.59
CA TYR A 250 16.22 -8.03 0.36
C TYR A 250 15.21 -9.15 0.18
N ASN A 251 14.47 -9.44 1.24
CA ASN A 251 13.43 -10.50 1.28
C ASN A 251 14.03 -11.85 0.89
N ASN A 252 15.10 -12.28 1.56
CA ASN A 252 15.67 -13.64 1.46
C ASN A 252 15.69 -14.26 2.87
N SER A 253 16.30 -15.43 3.05
CA SER A 253 16.50 -16.03 4.39
C SER A 253 17.99 -15.99 4.77
N LEU A 254 18.71 -14.96 4.33
CA LEU A 254 20.17 -14.85 4.60
C LEU A 254 20.43 -14.66 6.11
N THR A 255 21.52 -15.24 6.61
CA THR A 255 21.93 -15.14 8.03
C THR A 255 23.37 -14.65 8.09
N GLY A 256 23.97 -14.68 9.29
CA GLY A 256 25.34 -14.22 9.52
C GLY A 256 25.45 -12.71 9.44
N GLU A 257 26.68 -12.24 9.35
CA GLU A 257 27.04 -10.82 9.53
C GLU A 257 27.22 -10.18 8.15
N ILE A 258 27.05 -8.87 8.10
CA ILE A 258 27.42 -8.06 6.92
C ILE A 258 28.95 -8.11 6.80
N PRO A 259 29.52 -8.65 5.72
CA PRO A 259 30.97 -8.75 5.59
C PRO A 259 31.62 -7.37 5.47
N PRO A 260 32.68 -7.10 6.29
CA PRO A 260 33.44 -5.86 6.15
C PRO A 260 34.03 -5.67 4.74
N GLU A 261 34.21 -6.75 4.00
CA GLU A 261 34.74 -6.75 2.61
C GLU A 261 33.87 -5.90 1.69
N LEU A 262 32.58 -5.69 1.99
CA LEU A 262 31.75 -4.77 1.18
C LEU A 262 32.37 -3.36 1.19
N GLY A 263 33.26 -3.08 2.14
CA GLY A 263 33.98 -1.79 2.23
C GLY A 263 34.93 -1.58 1.06
N ASN A 264 35.36 -2.67 0.42
CA ASN A 264 36.31 -2.61 -0.72
C ASN A 264 35.59 -2.14 -1.99
N LEU A 265 34.26 -2.09 -1.97
CA LEU A 265 33.45 -1.77 -3.17
C LEU A 265 33.38 -0.24 -3.34
N LYS A 266 34.37 0.35 -4.00
CA LYS A 266 34.52 1.83 -4.12
C LYS A 266 33.33 2.43 -4.88
N SER A 267 32.77 1.73 -5.87
CA SER A 267 31.68 2.27 -6.71
C SER A 267 30.29 1.97 -6.11
N LEU A 268 30.23 1.18 -5.03
CA LEU A 268 28.93 0.82 -4.39
C LEU A 268 28.25 2.06 -3.86
N ARG A 269 26.98 2.26 -4.21
CA ARG A 269 26.19 3.42 -3.79
C ARG A 269 24.87 2.95 -3.17
N LEU A 270 24.34 1.81 -3.62
CA LEU A 270 23.01 1.34 -3.14
C LEU A 270 23.12 -0.09 -2.63
N LEU A 271 22.75 -0.33 -1.38
CA LEU A 271 22.72 -1.69 -0.79
C LEU A 271 21.42 -1.86 -0.01
N ASP A 272 20.67 -2.91 -0.32
CA ASP A 272 19.42 -3.23 0.40
C ASP A 272 19.44 -4.73 0.71
N ALA A 273 19.72 -5.08 1.96
CA ALA A 273 19.71 -6.47 2.43
C ALA A 273 18.63 -6.60 3.50
N SER A 274 17.60 -5.76 3.41
N SER A 274 17.58 -5.78 3.41
CA SER A 274 16.42 -5.76 4.34
CA SER A 274 16.42 -5.74 4.35
C SER A 274 15.66 -7.10 4.28
C SER A 274 15.64 -7.05 4.26
N MET A 275 14.79 -7.31 5.25
CA MET A 275 13.88 -8.50 5.31
C MET A 275 14.70 -9.78 5.22
N ASN A 276 15.77 -9.85 5.98
CA ASN A 276 16.60 -11.08 6.15
C ASN A 276 16.72 -11.39 7.65
N GLN A 277 17.59 -12.33 8.03
CA GLN A 277 17.85 -12.67 9.46
C GLN A 277 19.31 -12.36 9.78
N LEU A 278 19.82 -11.24 9.26
CA LEU A 278 21.24 -10.84 9.48
C LEU A 278 21.46 -10.48 10.95
N THR A 279 22.63 -10.84 11.50
CA THR A 279 22.97 -10.61 12.92
C THR A 279 24.30 -9.86 12.98
N GLY A 280 24.68 -9.42 14.20
CA GLY A 280 25.95 -8.70 14.44
C GLY A 280 25.79 -7.21 14.17
N LYS A 281 26.91 -6.50 13.96
CA LYS A 281 26.89 -5.02 13.84
C LYS A 281 27.10 -4.60 12.40
N ILE A 282 26.54 -3.47 11.98
CA ILE A 282 26.84 -2.90 10.63
C ILE A 282 28.32 -2.52 10.61
N PRO A 283 29.15 -3.02 9.67
CA PRO A 283 30.59 -2.74 9.68
C PRO A 283 30.91 -1.28 9.36
N ASP A 284 31.92 -0.73 10.04
CA ASP A 284 32.40 0.66 9.82
C ASP A 284 32.91 0.79 8.37
N GLU A 285 33.54 -0.26 7.84
CA GLU A 285 34.13 -0.22 6.47
C GLU A 285 33.04 0.05 5.43
N LEU A 286 31.89 -0.62 5.56
CA LEU A 286 30.73 -0.38 4.65
C LEU A 286 30.27 1.08 4.77
N CYS A 287 30.16 1.56 6.01
CA CYS A 287 29.66 2.93 6.27
C CYS A 287 30.65 3.98 5.75
N ARG A 288 31.95 3.66 5.69
CA ARG A 288 32.99 4.56 5.13
C ARG A 288 32.75 4.76 3.63
N VAL A 289 32.24 3.74 2.93
CA VAL A 289 31.87 3.86 1.49
C VAL A 289 30.83 4.97 1.36
N PRO A 290 30.93 5.91 0.39
CA PRO A 290 29.96 7.00 0.28
C PRO A 290 28.64 6.55 -0.36
N LEU A 291 27.86 5.74 0.36
CA LEU A 291 26.59 5.13 -0.13
C LEU A 291 25.52 6.20 -0.37
N GLU A 292 24.78 6.08 -1.47
CA GLU A 292 23.57 6.91 -1.72
C GLU A 292 22.43 6.38 -0.85
N SER A 293 22.30 5.07 -0.75
CA SER A 293 21.15 4.42 -0.07
C SER A 293 21.62 3.17 0.66
N LEU A 294 21.27 3.03 1.93
CA LEU A 294 21.53 1.79 2.70
C LEU A 294 20.23 1.35 3.36
N ASN A 295 19.69 0.19 2.98
CA ASN A 295 18.47 -0.35 3.63
C ASN A 295 18.82 -1.70 4.28
N LEU A 296 18.68 -1.80 5.59
CA LEU A 296 18.94 -3.07 6.33
C LEU A 296 17.81 -3.31 7.31
N TYR A 297 16.59 -2.87 7.00
CA TYR A 297 15.45 -2.97 7.94
C TYR A 297 15.00 -4.43 8.12
N GLU A 298 14.28 -4.70 9.21
CA GLU A 298 13.71 -6.04 9.53
C GLU A 298 14.81 -7.10 9.41
N ASN A 299 15.85 -6.93 10.20
CA ASN A 299 16.96 -7.91 10.40
C ASN A 299 17.09 -8.12 11.91
N ASN A 300 18.10 -8.83 12.41
CA ASN A 300 18.34 -9.01 13.86
C ASN A 300 19.69 -8.35 14.20
N LEU A 301 19.95 -7.18 13.61
CA LEU A 301 21.23 -6.44 13.79
C LEU A 301 21.27 -5.77 15.17
N GLU A 302 22.48 -5.65 15.72
CA GLU A 302 22.71 -5.07 17.06
C GLU A 302 23.87 -4.08 16.97
N GLY A 303 24.14 -3.39 18.07
CA GLY A 303 25.27 -2.46 18.18
C GLY A 303 24.92 -1.11 17.63
N GLU A 304 25.94 -0.32 17.31
CA GLU A 304 25.80 1.12 17.00
C GLU A 304 25.89 1.35 15.50
N LEU A 305 25.13 2.32 15.00
CA LEU A 305 25.33 2.83 13.63
C LEU A 305 26.68 3.54 13.60
N PRO A 306 27.65 3.10 12.78
CA PRO A 306 28.92 3.81 12.70
C PRO A 306 28.71 5.25 12.22
N ALA A 307 29.40 6.18 12.85
CA ALA A 307 29.36 7.63 12.51
C ALA A 307 29.86 7.87 11.08
N SER A 308 30.67 6.97 10.50
CA SER A 308 31.26 7.11 9.16
C SER A 308 30.15 7.35 8.13
N ILE A 309 28.96 6.77 8.32
CA ILE A 309 27.83 6.86 7.34
C ILE A 309 27.47 8.34 7.11
N ALA A 310 27.68 9.19 8.12
CA ALA A 310 27.38 10.65 8.05
C ALA A 310 28.42 11.38 7.20
N LEU A 311 29.55 10.75 6.91
CA LEU A 311 30.59 11.33 6.01
C LEU A 311 30.13 11.31 4.55
N SER A 312 29.28 10.37 4.12
CA SER A 312 28.86 10.26 2.69
C SER A 312 28.22 11.56 2.21
N PRO A 313 28.75 12.17 1.11
CA PRO A 313 28.10 13.30 0.46
C PRO A 313 26.91 12.91 -0.43
N ASN A 314 26.62 11.61 -0.58
CA ASN A 314 25.59 11.11 -1.51
C ASN A 314 24.35 10.54 -0.80
N LEU A 315 24.38 10.38 0.53
CA LEU A 315 23.32 9.62 1.27
C LEU A 315 21.97 10.36 1.24
N TYR A 316 20.94 9.74 0.63
CA TYR A 316 19.57 10.29 0.65
C TYR A 316 18.62 9.31 1.33
N GLU A 317 19.03 8.07 1.55
CA GLU A 317 18.11 7.04 2.06
C GLU A 317 18.81 6.13 3.08
N ILE A 318 18.29 6.08 4.31
CA ILE A 318 18.75 5.07 5.30
C ILE A 318 17.49 4.47 5.94
N ARG A 319 17.24 3.19 5.72
CA ARG A 319 16.09 2.49 6.35
C ARG A 319 16.61 1.29 7.12
N ILE A 320 16.75 1.41 8.44
CA ILE A 320 17.35 0.35 9.28
C ILE A 320 16.38 -0.01 10.39
N PHE A 321 15.08 0.24 10.19
CA PHE A 321 14.03 -0.05 11.21
C PHE A 321 13.96 -1.56 11.49
N GLY A 322 13.27 -1.95 12.56
CA GLY A 322 13.05 -3.37 12.93
C GLY A 322 14.36 -4.07 13.21
N ASN A 323 15.25 -3.44 13.95
CA ASN A 323 16.51 -4.07 14.43
C ASN A 323 16.64 -3.83 15.95
N ARG A 324 17.74 -4.27 16.56
CA ARG A 324 18.01 -4.01 18.01
C ARG A 324 19.21 -3.05 18.12
N LEU A 325 19.32 -2.10 17.20
CA LEU A 325 20.47 -1.15 17.18
C LEU A 325 20.41 -0.24 18.43
N THR A 326 21.56 0.05 19.03
CA THR A 326 21.66 0.85 20.28
C THR A 326 22.61 2.04 20.07
N GLY A 327 22.57 2.98 21.01
CA GLY A 327 23.45 4.18 21.03
C GLY A 327 22.80 5.37 20.34
N GLY A 328 23.62 6.32 19.91
CA GLY A 328 23.12 7.56 19.31
C GLY A 328 23.20 7.52 17.80
N LEU A 329 22.34 8.27 17.14
CA LEU A 329 22.47 8.56 15.71
C LEU A 329 23.72 9.42 15.54
N PRO A 330 24.44 9.30 14.41
CA PRO A 330 25.62 10.13 14.19
C PRO A 330 25.28 11.63 14.31
N LYS A 331 26.14 12.39 14.97
CA LYS A 331 25.91 13.83 15.26
C LYS A 331 25.76 14.62 13.95
N ASP A 332 26.51 14.26 12.90
CA ASP A 332 26.59 15.06 11.66
C ASP A 332 25.68 14.49 10.58
N LEU A 333 24.76 13.59 10.93
CA LEU A 333 23.85 12.98 9.93
C LEU A 333 23.01 14.09 9.27
N GLY A 334 23.06 14.20 7.93
CA GLY A 334 22.28 15.20 7.18
C GLY A 334 23.07 16.46 6.92
N LEU A 335 24.17 16.64 7.64
CA LEU A 335 25.01 17.87 7.51
C LEU A 335 25.67 17.88 6.13
N ASN A 336 26.16 16.74 5.65
CA ASN A 336 26.96 16.70 4.41
C ASN A 336 26.23 15.96 3.29
N SER A 337 24.98 15.56 3.48
CA SER A 337 24.25 14.71 2.51
C SER A 337 22.84 15.26 2.30
N PRO A 338 22.22 15.11 1.10
CA PRO A 338 20.83 15.50 0.91
C PRO A 338 19.89 14.39 1.40
N LEU A 339 19.84 14.16 2.71
CA LEU A 339 19.01 13.09 3.31
C LEU A 339 17.55 13.37 2.96
N ARG A 340 16.84 12.38 2.47
CA ARG A 340 15.43 12.51 2.04
C ARG A 340 14.58 11.59 2.89
N TRP A 341 15.00 10.34 3.05
CA TRP A 341 14.21 9.33 3.79
C TRP A 341 15.06 8.75 4.91
N LEU A 342 14.63 8.97 6.16
CA LEU A 342 15.29 8.38 7.34
C LEU A 342 14.25 7.56 8.11
N ASP A 343 14.49 6.25 8.25
CA ASP A 343 13.59 5.39 9.05
C ASP A 343 14.47 4.52 9.94
N VAL A 344 14.53 4.84 11.23
CA VAL A 344 15.34 4.08 12.24
C VAL A 344 14.38 3.54 13.29
N SER A 345 13.08 3.44 12.96
CA SER A 345 12.01 3.02 13.90
C SER A 345 12.26 1.60 14.43
N GLU A 346 11.61 1.23 15.54
CA GLU A 346 11.68 -0.12 16.15
C GLU A 346 13.14 -0.50 16.33
N ASN A 347 13.90 0.38 17.00
CA ASN A 347 15.31 0.14 17.42
C ASN A 347 15.41 0.50 18.90
N GLU A 348 16.58 0.36 19.53
CA GLU A 348 16.80 0.78 20.94
C GLU A 348 17.72 2.01 20.96
N PHE A 349 17.61 2.88 19.97
CA PHE A 349 18.45 4.10 19.86
C PHE A 349 18.11 5.07 20.99
N SER A 350 19.08 5.86 21.44
CA SER A 350 18.87 6.81 22.55
C SER A 350 19.58 8.13 22.24
N GLY A 351 19.40 9.13 23.12
CA GLY A 351 20.08 10.42 23.03
C GLY A 351 19.30 11.43 22.19
N ASP A 352 19.92 12.57 21.89
CA ASP A 352 19.23 13.66 21.17
C ASP A 352 19.22 13.38 19.68
N LEU A 353 18.16 13.82 18.99
CA LEU A 353 18.16 13.84 17.52
C LEU A 353 19.37 14.64 17.02
N PRO A 354 20.07 14.16 15.98
CA PRO A 354 21.10 14.98 15.34
C PRO A 354 20.51 16.32 14.92
N ALA A 355 21.26 17.40 15.12
CA ALA A 355 20.85 18.82 14.96
C ALA A 355 20.57 19.20 13.50
N ASP A 356 21.21 18.54 12.53
CA ASP A 356 21.28 19.06 11.12
C ASP A 356 20.75 18.02 10.13
N LEU A 357 19.74 17.23 10.53
CA LEU A 357 19.21 16.14 9.68
C LEU A 357 18.76 16.72 8.33
N CYS A 358 18.28 17.97 8.30
CA CYS A 358 17.69 18.61 7.10
C CYS A 358 18.52 19.82 6.65
N ALA A 359 19.84 19.79 6.84
CA ALA A 359 20.76 20.89 6.44
C ALA A 359 20.68 21.13 4.94
N LYS A 360 20.55 20.08 4.12
CA LYS A 360 20.56 20.20 2.64
C LYS A 360 19.15 20.46 2.12
N GLY A 361 18.15 20.44 2.99
CA GLY A 361 16.82 20.96 2.65
C GLY A 361 16.01 19.98 1.84
N GLU A 362 16.23 18.67 1.99
CA GLU A 362 15.54 17.65 1.18
C GLU A 362 14.88 16.58 2.04
N LEU A 363 14.94 16.69 3.37
CA LEU A 363 14.36 15.62 4.23
C LEU A 363 12.84 15.65 4.05
N GLU A 364 12.26 14.51 3.68
CA GLU A 364 10.79 14.34 3.49
C GLU A 364 10.19 13.46 4.60
N GLU A 365 10.86 12.36 4.94
CA GLU A 365 10.32 11.38 5.89
C GLU A 365 11.30 11.28 7.06
N LEU A 366 10.83 11.68 8.24
CA LEU A 366 11.50 11.49 9.55
C LEU A 366 10.69 10.49 10.38
N LEU A 367 11.12 9.24 10.40
CA LEU A 367 10.35 8.11 10.98
C LEU A 367 11.21 7.46 12.05
N ILE A 368 10.95 7.72 13.34
CA ILE A 368 11.84 7.25 14.43
C ILE A 368 11.02 6.61 15.55
N ILE A 369 9.86 6.05 15.25
CA ILE A 369 8.93 5.54 16.32
C ILE A 369 9.57 4.36 17.06
N HIS A 370 9.15 4.12 18.31
CA HIS A 370 9.61 2.97 19.16
C HIS A 370 11.13 3.02 19.33
N ASN A 371 11.66 4.14 19.80
CA ASN A 371 13.07 4.28 20.22
C ASN A 371 13.08 4.98 21.60
N SER A 372 14.26 5.23 22.20
CA SER A 372 14.40 5.91 23.51
C SER A 372 15.00 7.31 23.31
N PHE A 373 14.78 7.93 22.16
CA PHE A 373 15.33 9.28 21.87
C PHE A 373 14.81 10.28 22.91
N SER A 374 15.65 11.22 23.34
CA SER A 374 15.28 12.22 24.37
C SER A 374 15.65 13.62 23.87
N GLY A 375 15.33 14.64 24.67
CA GLY A 375 15.67 16.04 24.34
C GLY A 375 14.57 16.70 23.54
N VAL A 376 14.84 17.87 22.98
CA VAL A 376 13.84 18.70 22.24
C VAL A 376 14.00 18.40 20.75
N ILE A 377 12.95 18.61 19.97
CA ILE A 377 13.05 18.58 18.49
C ILE A 377 14.07 19.66 18.11
N PRO A 378 15.11 19.36 17.30
CA PRO A 378 16.05 20.40 16.87
C PRO A 378 15.33 21.59 16.23
N GLU A 379 15.73 22.81 16.58
CA GLU A 379 15.09 24.05 16.06
C GLU A 379 15.22 24.11 14.53
N SER A 380 16.29 23.54 13.95
CA SER A 380 16.56 23.56 12.50
C SER A 380 15.40 22.93 11.73
N LEU A 381 14.77 21.89 12.30
CA LEU A 381 13.68 21.16 11.65
C LEU A 381 12.48 22.09 11.43
N ALA A 382 12.40 23.19 12.16
CA ALA A 382 11.32 24.19 11.95
C ALA A 382 11.45 24.80 10.55
N ASP A 383 12.66 24.83 9.98
CA ASP A 383 12.92 25.36 8.62
C ASP A 383 12.88 24.23 7.58
N CYS A 384 12.59 22.99 7.95
CA CYS A 384 12.62 21.85 7.01
C CYS A 384 11.27 21.73 6.30
N ARG A 385 11.01 22.57 5.31
CA ARG A 385 9.71 22.65 4.61
C ARG A 385 9.53 21.49 3.62
N SER A 386 10.59 20.74 3.33
CA SER A 386 10.50 19.54 2.46
C SER A 386 9.77 18.38 3.15
N LEU A 387 9.66 18.38 4.49
CA LEU A 387 9.10 17.22 5.22
C LEU A 387 7.63 16.98 4.81
N THR A 388 7.27 15.72 4.61
CA THR A 388 5.89 15.31 4.25
C THR A 388 5.36 14.36 5.31
N ARG A 389 6.22 13.55 5.93
CA ARG A 389 5.76 12.53 6.92
C ARG A 389 6.66 12.63 8.16
N ILE A 390 6.07 12.91 9.33
CA ILE A 390 6.83 13.03 10.60
C ILE A 390 6.26 12.03 11.62
N ARG A 391 7.06 11.06 12.04
CA ARG A 391 6.63 10.04 13.04
C ARG A 391 7.67 9.97 14.16
N LEU A 392 7.49 10.73 15.25
CA LEU A 392 8.43 10.81 16.39
C LEU A 392 7.82 10.07 17.59
N ALA A 393 6.77 9.30 17.37
CA ALA A 393 5.97 8.71 18.46
C ALA A 393 6.75 7.63 19.23
N TYR A 394 6.34 7.35 20.47
CA TYR A 394 6.90 6.29 21.35
C TYR A 394 8.40 6.53 21.54
N ASN A 395 8.76 7.76 21.93
CA ASN A 395 10.15 8.11 22.33
C ASN A 395 10.07 8.75 23.72
N ARG A 396 11.17 9.33 24.19
CA ARG A 396 11.25 9.95 25.54
C ARG A 396 11.47 11.45 25.37
N PHE A 397 10.95 12.03 24.29
CA PHE A 397 11.16 13.45 23.95
C PHE A 397 10.45 14.34 24.97
N SER A 398 10.99 15.54 25.17
CA SER A 398 10.40 16.56 26.07
C SER A 398 10.55 17.94 25.46
N GLY A 399 9.88 18.94 26.05
CA GLY A 399 10.07 20.35 25.67
C GLY A 399 8.97 20.84 24.76
N SER A 400 8.96 22.12 24.44
CA SER A 400 8.04 22.75 23.47
C SER A 400 8.39 22.24 22.08
N VAL A 401 7.41 22.15 21.21
CA VAL A 401 7.65 21.97 19.77
C VAL A 401 8.09 23.32 19.22
N PRO A 402 9.20 23.41 18.47
CA PRO A 402 9.59 24.65 17.80
C PRO A 402 8.41 25.23 17.00
N THR A 403 8.15 26.53 17.18
CA THR A 403 7.02 27.29 16.60
C THR A 403 6.83 26.90 15.14
N GLY A 404 7.89 26.99 14.32
CA GLY A 404 7.82 26.83 12.86
C GLY A 404 7.45 25.42 12.46
N PHE A 405 7.78 24.42 13.28
CA PHE A 405 7.58 22.97 13.03
C PHE A 405 6.08 22.67 12.88
N TRP A 406 5.18 23.39 13.55
CA TRP A 406 3.73 23.13 13.44
C TRP A 406 3.22 23.57 12.04
N GLY A 407 3.91 24.51 11.37
CA GLY A 407 3.44 25.21 10.16
C GLY A 407 4.06 24.67 8.87
N LEU A 408 4.73 23.52 8.90
CA LEU A 408 5.46 23.02 7.72
C LEU A 408 4.44 22.73 6.59
N PRO A 409 4.64 23.30 5.39
CA PRO A 409 3.56 23.37 4.40
C PRO A 409 3.24 22.04 3.68
N HIS A 410 4.15 21.07 3.66
CA HIS A 410 3.96 19.79 2.91
C HIS A 410 3.76 18.58 3.84
N VAL A 411 3.77 18.77 5.16
CA VAL A 411 3.55 17.67 6.14
C VAL A 411 2.10 17.18 6.01
N ASN A 412 1.94 15.88 5.81
CA ASN A 412 0.64 15.18 5.66
C ASN A 412 0.29 14.47 6.98
N LEU A 413 1.28 13.87 7.65
CA LEU A 413 1.11 13.20 8.96
C LEU A 413 2.10 13.82 9.93
N LEU A 414 1.62 14.35 11.07
CA LEU A 414 2.44 14.77 12.25
C LEU A 414 2.02 13.94 13.46
N GLU A 415 2.88 13.01 13.90
CA GLU A 415 2.59 12.07 15.02
C GLU A 415 3.66 12.24 16.12
N LEU A 416 3.27 12.88 17.25
CA LEU A 416 4.18 13.14 18.39
C LEU A 416 3.71 12.30 19.58
N VAL A 417 2.91 11.27 19.32
CA VAL A 417 2.23 10.44 20.35
C VAL A 417 3.24 9.83 21.34
N ASN A 418 2.83 9.60 22.59
CA ASN A 418 3.62 8.88 23.64
C ASN A 418 5.00 9.51 23.81
N ASN A 419 5.03 10.82 24.05
CA ASN A 419 6.26 11.54 24.47
C ASN A 419 5.92 12.36 25.72
N SER A 420 6.83 13.22 26.18
CA SER A 420 6.55 14.18 27.27
C SER A 420 6.58 15.62 26.72
N PHE A 421 6.17 15.81 25.47
CA PHE A 421 6.18 17.14 24.83
C PHE A 421 5.28 18.09 25.62
N SER A 422 5.68 19.34 25.72
CA SER A 422 4.95 20.37 26.52
C SER A 422 4.78 21.62 25.66
N GLY A 423 4.18 22.66 26.25
CA GLY A 423 3.95 23.93 25.55
C GLY A 423 2.63 23.84 24.81
N GLU A 424 2.37 24.74 23.89
CA GLU A 424 1.05 24.79 23.22
C GLU A 424 1.18 24.43 21.75
N ILE A 425 0.06 24.27 21.08
CA ILE A 425 0.03 24.26 19.59
C ILE A 425 0.13 25.72 19.13
N SER A 426 1.20 26.07 18.45
CA SER A 426 1.42 27.45 17.94
C SER A 426 0.33 27.82 16.93
N LYS A 427 0.09 29.11 16.77
CA LYS A 427 -0.83 29.67 15.75
C LYS A 427 -0.26 29.35 14.37
N SER A 428 1.03 29.02 14.29
CA SER A 428 1.75 28.68 13.04
C SER A 428 1.11 27.46 12.37
N ILE A 429 0.33 26.67 13.10
CA ILE A 429 -0.34 25.45 12.57
C ILE A 429 -1.16 25.85 11.34
N GLY A 430 -1.56 27.12 11.23
CA GLY A 430 -2.35 27.62 10.07
C GLY A 430 -1.64 27.38 8.76
N GLY A 431 -0.31 27.41 8.75
CA GLY A 431 0.51 27.25 7.53
C GLY A 431 0.59 25.80 7.05
N ALA A 432 0.09 24.84 7.84
CA ALA A 432 0.20 23.41 7.49
C ALA A 432 -0.89 23.05 6.46
N SER A 433 -0.74 23.50 5.22
CA SER A 433 -1.77 23.40 4.15
C SER A 433 -2.04 21.94 3.77
N ASN A 434 -1.07 21.05 3.94
CA ASN A 434 -1.21 19.65 3.51
C ASN A 434 -1.54 18.74 4.69
N LEU A 435 -1.74 19.27 5.89
CA LEU A 435 -1.89 18.36 7.07
C LEU A 435 -3.23 17.64 6.96
N SER A 436 -3.20 16.33 7.10
CA SER A 436 -4.42 15.49 7.08
C SER A 436 -4.54 14.78 8.43
N LEU A 437 -3.44 14.27 8.97
CA LEU A 437 -3.49 13.55 10.28
C LEU A 437 -2.62 14.25 11.33
N LEU A 438 -3.24 14.73 12.42
CA LEU A 438 -2.54 15.35 13.59
C LEU A 438 -2.73 14.45 14.81
N ILE A 439 -1.67 13.79 15.30
CA ILE A 439 -1.81 12.80 16.40
C ILE A 439 -0.83 13.18 17.51
N LEU A 440 -1.35 13.78 18.58
CA LEU A 440 -0.56 14.38 19.66
C LEU A 440 -0.84 13.67 20.98
N SER A 441 -1.46 12.51 20.92
CA SER A 441 -2.00 11.84 22.13
C SER A 441 -0.88 11.46 23.12
N ASN A 442 -1.21 11.43 24.42
CA ASN A 442 -0.29 11.00 25.52
C ASN A 442 0.95 11.90 25.53
N ASN A 443 0.73 13.19 25.66
CA ASN A 443 1.84 14.16 25.89
C ASN A 443 1.49 15.02 27.12
N GLU A 444 2.22 16.12 27.31
CA GLU A 444 1.94 17.09 28.41
C GLU A 444 1.59 18.44 27.79
N PHE A 445 0.99 18.45 26.61
CA PHE A 445 0.63 19.70 25.91
C PHE A 445 -0.42 20.48 26.72
N THR A 446 -0.33 21.80 26.70
CA THR A 446 -1.20 22.70 27.48
C THR A 446 -1.77 23.77 26.55
N GLY A 447 -2.76 24.50 27.04
CA GLY A 447 -3.25 25.69 26.33
C GLY A 447 -4.52 25.38 25.55
N SER A 448 -5.07 26.42 24.94
CA SER A 448 -6.29 26.32 24.13
C SER A 448 -5.90 25.77 22.76
N LEU A 449 -6.82 25.09 22.07
CA LEU A 449 -6.59 24.74 20.65
C LEU A 449 -6.66 26.05 19.85
N PRO A 450 -5.61 26.46 19.14
CA PRO A 450 -5.59 27.75 18.43
C PRO A 450 -6.70 27.79 17.37
N GLU A 451 -7.25 28.99 17.13
CA GLU A 451 -8.31 29.20 16.09
C GLU A 451 -7.78 28.84 14.69
N GLU A 452 -6.46 28.89 14.48
CA GLU A 452 -5.83 28.61 13.17
C GLU A 452 -5.98 27.13 12.78
N ILE A 453 -6.26 26.23 13.72
CA ILE A 453 -6.52 24.79 13.42
C ILE A 453 -7.71 24.70 12.47
N GLY A 454 -8.68 25.61 12.55
CA GLY A 454 -9.85 25.65 11.65
C GLY A 454 -9.49 26.00 10.22
N SER A 455 -8.34 26.62 9.99
CA SER A 455 -7.87 26.98 8.63
C SER A 455 -7.37 25.72 7.88
N LEU A 456 -7.14 24.61 8.59
CA LEU A 456 -6.66 23.34 7.98
C LEU A 456 -7.83 22.59 7.32
N ASP A 457 -8.26 23.05 6.14
CA ASP A 457 -9.51 22.59 5.47
C ASP A 457 -9.45 21.09 5.19
N ASN A 458 -8.27 20.56 4.89
CA ASN A 458 -8.11 19.13 4.52
C ASN A 458 -7.85 18.25 5.75
N LEU A 459 -7.96 18.76 6.98
CA LEU A 459 -7.63 17.90 8.15
C LEU A 459 -8.66 16.78 8.26
N ASN A 460 -8.21 15.55 8.41
CA ASN A 460 -9.09 14.36 8.48
C ASN A 460 -9.09 13.78 9.90
N GLN A 461 -7.94 13.81 10.58
CA GLN A 461 -7.84 13.25 11.95
C GLN A 461 -7.23 14.26 12.92
N LEU A 462 -7.91 14.51 14.03
CA LEU A 462 -7.34 15.29 15.16
C LEU A 462 -7.46 14.41 16.41
N SER A 463 -6.36 13.79 16.81
CA SER A 463 -6.30 12.95 18.03
C SER A 463 -5.32 13.57 19.02
N ALA A 464 -5.81 14.10 20.15
CA ALA A 464 -4.96 14.83 21.11
C ALA A 464 -5.30 14.37 22.52
N SER A 465 -5.60 13.09 22.68
CA SER A 465 -6.06 12.52 23.96
C SER A 465 -4.91 12.47 24.96
N GLY A 466 -5.22 12.41 26.24
CA GLY A 466 -4.20 12.30 27.30
C GLY A 466 -3.24 13.48 27.31
N ASN A 467 -3.77 14.69 27.30
CA ASN A 467 -2.95 15.91 27.41
C ASN A 467 -3.53 16.83 28.49
N LYS A 468 -3.09 18.09 28.54
CA LYS A 468 -3.63 19.07 29.51
C LYS A 468 -4.15 20.28 28.73
N PHE A 469 -4.77 20.04 27.57
CA PHE A 469 -5.38 21.10 26.74
C PHE A 469 -6.59 21.67 27.48
N SER A 470 -6.85 22.96 27.33
CA SER A 470 -7.91 23.65 28.10
C SER A 470 -8.66 24.62 27.18
N GLY A 471 -9.68 25.25 27.72
CA GLY A 471 -10.43 26.30 27.02
C GLY A 471 -11.61 25.73 26.28
N SER A 472 -12.46 26.60 25.74
CA SER A 472 -13.61 26.22 24.90
C SER A 472 -13.06 25.76 23.55
N LEU A 473 -13.79 24.89 22.85
CA LEU A 473 -13.35 24.50 21.48
C LEU A 473 -13.39 25.76 20.63
N PRO A 474 -12.35 26.06 19.82
CA PRO A 474 -12.40 27.21 18.92
C PRO A 474 -13.56 27.05 17.94
N ASP A 475 -14.25 28.13 17.60
CA ASP A 475 -15.41 28.11 16.66
C ASP A 475 -14.99 27.54 15.32
N SER A 476 -13.77 27.83 14.85
CA SER A 476 -13.22 27.40 13.54
C SER A 476 -13.15 25.87 13.45
N LEU A 477 -13.04 25.17 14.58
CA LEU A 477 -12.94 23.68 14.58
C LEU A 477 -14.17 23.09 13.90
N MET A 478 -15.33 23.72 14.07
CA MET A 478 -16.62 23.21 13.52
C MET A 478 -16.70 23.48 12.00
N SER A 479 -15.75 24.24 11.45
CA SER A 479 -15.68 24.52 10.00
C SER A 479 -14.86 23.42 9.30
N LEU A 480 -14.34 22.43 10.03
CA LEU A 480 -13.53 21.35 9.44
C LEU A 480 -14.45 20.25 8.91
N GLY A 481 -14.76 20.30 7.61
CA GLY A 481 -15.75 19.42 6.96
C GLY A 481 -15.16 18.11 6.48
N GLU A 482 -13.83 17.97 6.44
CA GLU A 482 -13.14 16.72 6.03
C GLU A 482 -12.79 15.87 7.26
N LEU A 483 -13.13 16.32 8.46
CA LEU A 483 -12.73 15.64 9.71
C LEU A 483 -13.53 14.35 9.86
N GLY A 484 -12.86 13.21 10.01
CA GLY A 484 -13.51 11.91 10.25
C GLY A 484 -13.29 11.44 11.68
N THR A 485 -12.22 11.89 12.33
CA THR A 485 -11.92 11.50 13.73
C THR A 485 -11.61 12.74 14.57
N LEU A 486 -12.36 12.95 15.65
CA LEU A 486 -12.01 13.97 16.67
C LEU A 486 -11.90 13.29 18.03
N ASP A 487 -10.67 13.12 18.53
CA ASP A 487 -10.45 12.46 19.84
C ASP A 487 -9.72 13.42 20.77
N LEU A 488 -10.44 14.00 21.73
CA LEU A 488 -9.88 15.00 22.66
C LEU A 488 -10.05 14.48 24.09
N HIS A 489 -10.19 13.18 24.28
CA HIS A 489 -10.49 12.58 25.61
C HIS A 489 -9.29 12.75 26.54
N GLY A 490 -9.54 12.73 27.85
CA GLY A 490 -8.50 12.90 28.90
C GLY A 490 -7.81 14.25 28.78
N ASN A 491 -8.59 15.32 28.68
CA ASN A 491 -8.05 16.69 28.62
C ASN A 491 -8.78 17.56 29.66
N GLN A 492 -8.62 18.89 29.59
CA GLN A 492 -9.33 19.84 30.48
C GLN A 492 -10.18 20.79 29.63
N PHE A 493 -10.70 20.32 28.51
CA PHE A 493 -11.54 21.18 27.63
C PHE A 493 -12.80 21.58 28.38
N SER A 494 -13.22 22.83 28.21
CA SER A 494 -14.37 23.39 28.94
C SER A 494 -15.29 24.08 27.93
N GLY A 495 -16.44 24.53 28.39
CA GLY A 495 -17.37 25.28 27.54
C GLY A 495 -18.43 24.37 26.96
N GLU A 496 -19.15 24.84 25.95
CA GLU A 496 -20.34 24.15 25.41
C GLU A 496 -20.06 23.74 23.97
N LEU A 497 -20.77 22.74 23.47
CA LEU A 497 -20.80 22.44 22.01
C LEU A 497 -21.83 23.38 21.39
N THR A 498 -21.61 23.86 20.17
CA THR A 498 -22.55 24.78 19.47
C THR A 498 -23.28 24.03 18.36
N SER A 499 -24.17 24.73 17.66
CA SER A 499 -24.98 24.21 16.55
C SER A 499 -24.07 24.00 15.32
N GLY A 500 -22.85 24.57 15.34
CA GLY A 500 -21.87 24.44 14.24
C GLY A 500 -21.37 23.03 14.04
N ILE A 501 -21.64 22.12 14.99
CA ILE A 501 -21.26 20.68 14.87
C ILE A 501 -21.91 20.06 13.61
N LYS A 502 -22.98 20.65 13.06
CA LYS A 502 -23.73 20.08 11.90
C LYS A 502 -22.87 20.02 10.61
N SER A 503 -21.79 20.81 10.62
CA SER A 503 -20.82 20.92 9.50
C SER A 503 -19.83 19.77 9.54
N TRP A 504 -19.80 18.98 10.61
CA TRP A 504 -18.95 17.76 10.67
C TRP A 504 -19.68 16.61 9.96
N LYS A 505 -19.98 16.79 8.67
CA LYS A 505 -20.80 15.82 7.91
C LYS A 505 -20.00 14.53 7.65
N LYS A 506 -18.67 14.59 7.67
CA LYS A 506 -17.79 13.42 7.41
C LYS A 506 -17.25 12.80 8.71
N LEU A 507 -17.70 13.25 9.88
CA LEU A 507 -17.14 12.80 11.19
C LEU A 507 -17.68 11.42 11.57
N ASN A 508 -16.79 10.45 11.79
CA ASN A 508 -17.16 9.06 12.19
C ASN A 508 -17.07 8.91 13.70
N GLU A 509 -16.08 9.52 14.32
CA GLU A 509 -15.82 9.35 15.76
C GLU A 509 -15.74 10.72 16.46
N LEU A 510 -16.57 10.93 17.47
CA LEU A 510 -16.51 12.12 18.35
C LEU A 510 -16.27 11.61 19.77
N ASN A 511 -15.04 11.73 20.25
CA ASN A 511 -14.66 11.32 21.62
C ASN A 511 -14.23 12.57 22.40
N LEU A 512 -15.12 13.10 23.22
CA LEU A 512 -14.87 14.28 24.07
C LEU A 512 -14.88 13.87 25.55
N ALA A 513 -14.66 12.58 25.83
CA ALA A 513 -14.82 12.01 27.19
C ALA A 513 -13.75 12.56 28.14
N ASP A 514 -14.02 12.51 29.46
CA ASP A 514 -13.08 12.91 30.53
C ASP A 514 -12.59 14.34 30.24
N ASN A 515 -13.52 15.27 30.11
CA ASN A 515 -13.20 16.71 29.94
C ASN A 515 -14.03 17.52 30.94
N GLU A 516 -14.19 18.82 30.72
CA GLU A 516 -15.01 19.68 31.61
C GLU A 516 -16.10 20.39 30.80
N PHE A 517 -16.62 19.74 29.77
CA PHE A 517 -17.65 20.36 28.89
C PHE A 517 -18.95 20.56 29.66
N THR A 518 -19.63 21.68 29.43
CA THR A 518 -20.92 21.99 30.07
C THR A 518 -21.93 22.28 28.96
N GLY A 519 -23.19 22.54 29.34
CA GLY A 519 -24.27 22.90 28.42
C GLY A 519 -24.98 21.66 27.88
N LYS A 520 -25.87 21.84 26.91
CA LYS A 520 -26.71 20.75 26.36
C LYS A 520 -26.00 20.15 25.14
N ILE A 521 -26.22 18.87 24.89
CA ILE A 521 -25.79 18.22 23.61
C ILE A 521 -26.64 18.85 22.52
N PRO A 522 -26.04 19.46 21.49
CA PRO A 522 -26.83 20.16 20.47
C PRO A 522 -27.77 19.22 19.70
N ASP A 523 -28.92 19.73 19.24
CA ASP A 523 -29.93 18.93 18.50
C ASP A 523 -29.37 18.55 17.12
N GLU A 524 -28.35 19.25 16.66
CA GLU A 524 -27.69 18.99 15.35
C GLU A 524 -26.84 17.71 15.43
N ILE A 525 -26.82 17.02 16.57
CA ILE A 525 -26.03 15.77 16.75
C ILE A 525 -26.55 14.70 15.79
N GLY A 526 -27.86 14.66 15.55
CA GLY A 526 -28.49 13.68 14.64
C GLY A 526 -28.24 13.97 13.19
N SER A 527 -27.76 15.16 12.87
CA SER A 527 -27.51 15.60 11.49
C SER A 527 -26.11 15.15 11.05
N LEU A 528 -25.35 14.48 11.92
CA LEU A 528 -24.00 13.97 11.51
C LEU A 528 -24.17 12.63 10.77
N SER A 529 -24.10 12.65 9.44
CA SER A 529 -24.49 11.53 8.56
C SER A 529 -23.65 10.26 8.78
N VAL A 530 -22.35 10.39 9.06
CA VAL A 530 -21.46 9.20 9.16
C VAL A 530 -20.96 8.97 10.60
N LEU A 531 -21.61 9.54 11.60
CA LEU A 531 -21.16 9.38 13.01
C LEU A 531 -21.60 8.01 13.54
N ASN A 532 -20.66 7.14 13.91
CA ASN A 532 -21.01 5.80 14.42
C ASN A 532 -20.50 5.60 15.85
N TYR A 533 -19.55 6.42 16.28
CA TYR A 533 -18.94 6.30 17.64
C TYR A 533 -19.03 7.65 18.38
N LEU A 534 -19.81 7.70 19.46
CA LEU A 534 -20.01 8.94 20.23
C LEU A 534 -19.68 8.68 21.70
N ASP A 535 -18.64 9.34 22.21
CA ASP A 535 -18.30 9.24 23.65
C ASP A 535 -18.25 10.65 24.23
N LEU A 536 -19.26 11.02 25.01
CA LEU A 536 -19.32 12.32 25.74
C LEU A 536 -19.30 12.05 27.25
N SER A 537 -18.85 10.87 27.65
CA SER A 537 -18.87 10.45 29.07
C SER A 537 -17.89 11.28 29.91
N GLY A 538 -18.09 11.38 31.21
CA GLY A 538 -17.16 12.08 32.11
C GLY A 538 -17.08 13.56 31.75
N ASN A 539 -18.22 14.19 31.65
CA ASN A 539 -18.30 15.67 31.44
C ASN A 539 -19.39 16.23 32.34
N MET A 540 -19.80 17.48 32.13
CA MET A 540 -20.95 18.07 32.84
C MET A 540 -22.07 18.47 31.88
N PHE A 541 -22.24 17.73 30.78
CA PHE A 541 -23.34 17.93 29.81
C PHE A 541 -24.68 17.85 30.55
N SER A 542 -25.55 18.82 30.34
CA SER A 542 -26.84 18.93 31.07
C SER A 542 -27.99 18.98 30.08
N GLY A 543 -29.22 18.88 30.59
CA GLY A 543 -30.44 19.00 29.77
C GLY A 543 -30.91 17.65 29.26
N LYS A 544 -31.86 17.64 28.34
CA LYS A 544 -32.47 16.40 27.80
C LYS A 544 -31.59 15.88 26.67
N ILE A 545 -31.43 14.56 26.58
CA ILE A 545 -30.78 13.89 25.43
C ILE A 545 -31.61 14.22 24.18
N PRO A 546 -31.04 14.84 23.13
CA PRO A 546 -31.83 15.18 21.93
C PRO A 546 -32.50 13.96 21.27
N VAL A 547 -33.70 14.15 20.77
CA VAL A 547 -34.46 13.08 20.06
C VAL A 547 -33.76 12.77 18.73
N SER A 548 -32.98 13.71 18.19
CA SER A 548 -32.22 13.55 16.94
C SER A 548 -31.23 12.38 17.05
N LEU A 549 -30.82 12.00 18.26
CA LEU A 549 -29.85 10.89 18.48
C LEU A 549 -30.43 9.59 17.90
N GLN A 550 -31.75 9.46 17.90
CA GLN A 550 -32.45 8.26 17.38
C GLN A 550 -32.30 8.17 15.86
N SER A 551 -32.01 9.26 15.17
CA SER A 551 -31.77 9.28 13.71
C SER A 551 -30.48 8.53 13.41
N LEU A 552 -29.47 8.65 14.27
CA LEU A 552 -28.13 8.07 14.01
C LEU A 552 -28.18 6.56 14.14
N LYS A 553 -27.17 5.89 13.57
CA LYS A 553 -26.99 4.41 13.65
C LYS A 553 -25.67 4.14 14.34
N LEU A 554 -25.59 4.47 15.63
CA LEU A 554 -24.32 4.42 16.40
C LEU A 554 -23.98 2.96 16.74
N ASN A 555 -22.69 2.63 16.68
CA ASN A 555 -22.19 1.31 17.14
C ASN A 555 -21.62 1.49 18.54
N GLN A 556 -21.35 2.74 18.94
CA GLN A 556 -20.79 3.06 20.29
C GLN A 556 -21.43 4.34 20.79
N LEU A 557 -22.10 4.27 21.93
CA LEU A 557 -22.69 5.47 22.58
C LEU A 557 -22.36 5.43 24.07
N ASN A 558 -21.79 6.51 24.60
CA ASN A 558 -21.63 6.64 26.06
C ASN A 558 -21.87 8.09 26.45
N LEU A 559 -22.92 8.35 27.22
CA LEU A 559 -23.24 9.69 27.79
C LEU A 559 -23.15 9.60 29.32
N SER A 560 -22.47 8.58 29.84
CA SER A 560 -22.42 8.28 31.29
C SER A 560 -21.66 9.38 32.05
N TYR A 561 -21.95 9.54 33.34
CA TYR A 561 -21.26 10.50 34.23
C TYR A 561 -21.38 11.91 33.61
N ASN A 562 -22.60 12.39 33.48
CA ASN A 562 -22.91 13.79 33.07
C ASN A 562 -24.02 14.34 33.97
N ARG A 563 -24.58 15.52 33.66
CA ARG A 563 -25.72 16.09 34.42
C ARG A 563 -27.00 16.03 33.57
N LEU A 564 -27.13 15.01 32.73
CA LEU A 564 -28.30 14.87 31.80
C LEU A 564 -29.57 14.54 32.59
N SER A 565 -30.70 15.04 32.13
CA SER A 565 -32.00 14.91 32.85
C SER A 565 -33.08 14.56 31.84
N GLY A 566 -34.18 14.00 32.33
CA GLY A 566 -35.37 13.77 31.50
C GLY A 566 -35.68 12.30 31.35
N ASP A 567 -36.30 11.94 30.24
CA ASP A 567 -36.68 10.54 29.92
C ASP A 567 -35.77 10.07 28.80
N LEU A 568 -35.55 8.75 28.74
CA LEU A 568 -34.85 8.12 27.60
C LEU A 568 -35.87 7.97 26.49
N PRO A 569 -35.66 8.56 25.29
CA PRO A 569 -36.40 8.17 24.09
C PRO A 569 -36.52 6.65 24.07
N PRO A 570 -37.74 6.08 23.89
CA PRO A 570 -37.94 4.64 24.13
C PRO A 570 -36.99 3.74 23.33
N SER A 571 -36.44 4.24 22.22
CA SER A 571 -35.45 3.50 21.38
C SER A 571 -34.10 3.37 22.09
N LEU A 572 -33.79 4.27 23.04
CA LEU A 572 -32.54 4.20 23.85
C LEU A 572 -32.78 3.40 25.14
N ALA A 573 -34.04 3.16 25.49
CA ALA A 573 -34.43 2.37 26.69
C ALA A 573 -34.34 0.88 26.38
N LYS A 574 -33.22 0.45 25.78
CA LYS A 574 -32.97 -0.97 25.41
C LYS A 574 -31.76 -1.43 26.23
N ASP A 575 -31.78 -2.68 26.69
CA ASP A 575 -30.76 -3.37 27.53
C ASP A 575 -29.35 -3.11 26.97
N MET A 576 -29.18 -3.08 25.65
CA MET A 576 -27.86 -2.85 24.99
C MET A 576 -27.32 -1.47 25.40
N TYR A 577 -28.18 -0.55 25.82
CA TYR A 577 -27.73 0.82 26.19
C TYR A 577 -27.60 0.97 27.71
N LYS A 578 -27.49 -0.15 28.44
CA LYS A 578 -27.52 -0.18 29.92
C LYS A 578 -26.30 0.55 30.52
N ASN A 579 -25.15 0.59 29.84
CA ASN A 579 -23.92 1.24 30.36
C ASN A 579 -23.64 2.52 29.60
N SER A 580 -24.65 3.09 28.94
CA SER A 580 -24.47 4.33 28.14
C SER A 580 -25.01 5.55 28.88
N PHE A 581 -25.82 5.35 29.91
CA PHE A 581 -26.49 6.49 30.60
C PHE A 581 -26.22 6.49 32.12
N ILE A 582 -25.22 5.75 32.61
CA ILE A 582 -24.89 5.64 34.07
C ILE A 582 -24.48 7.02 34.60
N GLY A 583 -24.68 7.28 35.91
CA GLY A 583 -24.20 8.50 36.57
C GLY A 583 -24.87 9.74 36.02
N ASN A 584 -26.15 9.64 35.73
CA ASN A 584 -26.99 10.82 35.39
C ASN A 584 -28.18 10.83 36.34
N PRO A 585 -28.06 11.41 37.56
CA PRO A 585 -29.14 11.33 38.54
C PRO A 585 -30.50 11.83 38.04
N GLY A 586 -30.52 12.91 37.25
CA GLY A 586 -31.78 13.48 36.71
C GLY A 586 -32.46 12.54 35.74
N LEU A 587 -31.67 11.75 35.03
CA LEU A 587 -32.10 10.86 33.92
C LEU A 587 -32.91 9.70 34.46
N CYS A 588 -34.11 9.51 33.93
CA CYS A 588 -35.02 8.39 34.26
C CYS A 588 -35.36 7.64 32.97
N GLY A 589 -35.03 6.35 32.90
CA GLY A 589 -35.37 5.46 31.77
C GLY A 589 -35.86 4.12 32.26
N ASP A 590 -36.38 3.28 31.36
CA ASP A 590 -36.88 1.92 31.66
C ASP A 590 -35.76 0.89 31.45
N ILE A 591 -34.55 1.17 31.97
CA ILE A 591 -33.38 0.25 31.96
C ILE A 591 -33.15 -0.18 33.42
N LYS A 592 -32.81 -1.44 33.68
CA LYS A 592 -32.61 -1.92 35.07
C LYS A 592 -31.47 -1.10 35.72
N GLY A 593 -31.71 -0.57 36.93
CA GLY A 593 -30.70 0.18 37.71
C GLY A 593 -30.67 1.67 37.39
N LEU A 594 -31.40 2.13 36.36
CA LEU A 594 -31.45 3.57 35.97
C LEU A 594 -32.57 4.28 36.77
N CYS A 595 -32.84 5.55 36.49
CA CYS A 595 -33.92 6.32 37.15
C CYS A 595 -33.81 6.15 38.67
N ASN B 8 1.85 -5.05 5.71
CA ASN B 8 1.72 -6.45 6.22
C ASN B 8 0.54 -7.14 5.52
N LEU B 9 0.16 -8.34 5.97
CA LEU B 9 -0.96 -9.15 5.41
C LEU B 9 -2.27 -8.34 5.42
N GLU B 10 -2.56 -7.69 6.55
CA GLU B 10 -3.81 -6.93 6.74
C GLU B 10 -3.83 -5.79 5.72
N GLY B 11 -2.72 -5.05 5.57
CA GLY B 11 -2.64 -3.94 4.59
C GLY B 11 -2.77 -4.49 3.17
N ASP B 12 -2.13 -5.62 2.88
CA ASP B 12 -2.23 -6.28 1.56
C ASP B 12 -3.70 -6.59 1.27
N ALA B 13 -4.44 -7.08 2.26
CA ALA B 13 -5.85 -7.48 2.07
C ALA B 13 -6.70 -6.24 1.76
N LEU B 14 -6.50 -5.15 2.48
CA LEU B 14 -7.26 -3.89 2.26
C LEU B 14 -6.83 -3.26 0.93
N HIS B 15 -5.58 -3.38 0.51
CA HIS B 15 -5.14 -2.83 -0.79
C HIS B 15 -5.88 -3.57 -1.89
N THR B 16 -6.06 -4.89 -1.75
CA THR B 16 -6.86 -5.73 -2.68
C THR B 16 -8.26 -5.15 -2.80
N LEU B 17 -8.86 -4.70 -1.69
CA LEU B 17 -10.19 -4.04 -1.73
C LEU B 17 -10.07 -2.74 -2.53
N ARG B 18 -9.06 -1.92 -2.25
CA ARG B 18 -8.89 -0.62 -2.94
C ARG B 18 -8.94 -0.86 -4.45
N VAL B 19 -8.19 -1.84 -4.97
CA VAL B 19 -8.04 -1.96 -6.46
C VAL B 19 -9.33 -2.50 -7.10
N THR B 20 -10.14 -3.32 -6.43
CA THR B 20 -11.43 -3.79 -7.00
C THR B 20 -12.56 -2.80 -6.71
N LEU B 21 -12.35 -1.75 -5.91
CA LEU B 21 -13.37 -0.70 -5.62
C LEU B 21 -13.20 0.48 -6.57
N VAL B 22 -14.28 1.13 -6.95
CA VAL B 22 -14.22 2.37 -7.79
C VAL B 22 -14.34 3.56 -6.84
N ASP B 23 -13.40 4.50 -6.92
CA ASP B 23 -13.20 5.55 -5.89
C ASP B 23 -13.13 6.92 -6.55
N PRO B 24 -14.26 7.52 -6.99
CA PRO B 24 -14.23 8.83 -7.64
C PRO B 24 -13.62 9.93 -6.76
N ASN B 25 -13.87 9.90 -5.44
CA ASN B 25 -13.44 10.99 -4.52
C ASN B 25 -12.01 10.72 -4.00
N ASN B 26 -11.38 9.61 -4.39
CA ASN B 26 -10.01 9.25 -3.96
C ASN B 26 -9.98 9.16 -2.41
N VAL B 27 -11.00 8.55 -1.80
CA VAL B 27 -11.02 8.33 -0.32
C VAL B 27 -9.94 7.33 0.09
N LEU B 28 -9.46 6.48 -0.82
CA LEU B 28 -8.47 5.42 -0.48
C LEU B 28 -7.05 5.84 -0.88
N GLN B 29 -6.82 7.13 -1.13
CA GLN B 29 -5.52 7.64 -1.64
C GLN B 29 -4.41 7.36 -0.63
N SER B 30 -4.68 7.48 0.67
CA SER B 30 -3.68 7.31 1.75
C SER B 30 -3.31 5.83 1.92
N TRP B 31 -4.01 4.93 1.22
CA TRP B 31 -3.81 3.47 1.43
C TRP B 31 -2.54 3.02 0.71
N ASP B 32 -1.39 3.38 1.25
CA ASP B 32 -0.05 3.05 0.68
C ASP B 32 0.35 1.65 1.15
N PRO B 33 0.43 0.64 0.24
CA PRO B 33 0.73 -0.74 0.62
C PRO B 33 2.20 -0.95 0.98
N THR B 34 3.04 0.06 0.77
CA THR B 34 4.48 0.04 1.18
C THR B 34 4.61 0.39 2.68
N LEU B 35 3.53 0.82 3.33
CA LEU B 35 3.58 1.13 4.78
C LEU B 35 3.68 -0.22 5.47
N VAL B 36 4.37 -0.23 6.61
CA VAL B 36 4.59 -1.43 7.46
C VAL B 36 3.23 -2.00 7.81
N ASN B 37 2.25 -1.15 8.02
CA ASN B 37 0.88 -1.61 8.35
C ASN B 37 -0.06 -0.50 7.91
N PRO B 38 -1.37 -0.80 7.83
CA PRO B 38 -2.36 0.20 7.39
C PRO B 38 -2.86 1.16 8.47
N CYS B 39 -2.27 1.14 9.68
CA CYS B 39 -2.80 1.89 10.85
C CYS B 39 -2.80 3.42 10.63
N THR B 40 -1.86 3.99 9.89
CA THR B 40 -1.87 5.45 9.56
C THR B 40 -2.71 5.76 8.32
N TRP B 41 -3.35 4.76 7.72
CA TRP B 41 -4.25 4.97 6.56
C TRP B 41 -5.53 5.63 7.07
N PHE B 42 -5.97 6.68 6.38
CA PHE B 42 -7.26 7.33 6.65
C PHE B 42 -8.36 6.28 6.46
N HIS B 43 -9.36 6.30 7.33
CA HIS B 43 -10.55 5.40 7.31
C HIS B 43 -10.22 4.05 7.94
N VAL B 44 -8.98 3.83 8.38
CA VAL B 44 -8.58 2.57 9.07
C VAL B 44 -8.17 2.92 10.51
N THR B 45 -8.68 2.18 11.49
CA THR B 45 -8.32 2.34 12.91
C THR B 45 -7.72 1.01 13.36
N CYS B 46 -6.61 1.07 14.10
CA CYS B 46 -5.92 -0.13 14.64
C CYS B 46 -6.01 -0.18 16.17
N ASN B 47 -5.84 -1.35 16.77
CA ASN B 47 -5.77 -1.52 18.23
C ASN B 47 -4.33 -1.24 18.68
N ASN B 48 -4.02 -1.43 19.97
CA ASN B 48 -2.69 -1.12 20.53
C ASN B 48 -1.66 -2.11 19.97
N GLU B 49 -2.08 -3.23 19.40
CA GLU B 49 -1.13 -4.21 18.81
C GLU B 49 -1.03 -3.95 17.31
N ASN B 50 -1.47 -2.80 16.85
CA ASN B 50 -1.36 -2.40 15.41
C ASN B 50 -2.14 -3.37 14.51
N SER B 51 -3.29 -3.88 14.94
CA SER B 51 -4.13 -4.77 14.12
C SER B 51 -5.45 -4.05 13.83
N VAL B 52 -5.96 -4.16 12.60
CA VAL B 52 -7.16 -3.40 12.14
C VAL B 52 -8.36 -3.81 12.99
N ILE B 53 -9.08 -2.84 13.52
CA ILE B 53 -10.33 -3.10 14.30
C ILE B 53 -11.47 -2.33 13.66
N ARG B 54 -11.17 -1.41 12.75
CA ARG B 54 -12.24 -0.59 12.13
C ARG B 54 -11.89 -0.21 10.68
N VAL B 55 -12.85 -0.37 9.77
CA VAL B 55 -12.76 0.23 8.41
C VAL B 55 -13.98 1.13 8.28
N ASP B 56 -13.75 2.44 8.14
CA ASP B 56 -14.86 3.44 8.14
C ASP B 56 -14.92 4.09 6.75
N LEU B 57 -15.80 3.60 5.89
CA LEU B 57 -15.92 4.04 4.47
C LEU B 57 -17.39 4.31 4.10
N GLY B 58 -18.20 4.69 5.09
CA GLY B 58 -19.62 5.03 4.89
C GLY B 58 -19.78 6.28 4.05
N ASN B 59 -20.75 6.31 3.13
CA ASN B 59 -21.13 7.51 2.36
C ASN B 59 -19.90 8.12 1.67
N ALA B 60 -19.07 7.30 1.03
CA ALA B 60 -17.85 7.71 0.31
C ALA B 60 -18.06 7.68 -1.22
N GLU B 61 -19.27 7.36 -1.70
CA GLU B 61 -19.60 7.22 -3.15
C GLU B 61 -18.68 6.16 -3.78
N LEU B 62 -18.45 5.06 -3.08
CA LEU B 62 -17.62 3.94 -3.59
C LEU B 62 -18.49 3.04 -4.48
N SER B 63 -17.92 2.53 -5.57
CA SER B 63 -18.61 1.61 -6.50
C SER B 63 -17.73 0.36 -6.60
N GLY B 64 -18.18 -0.71 -7.27
CA GLY B 64 -17.33 -1.89 -7.44
C GLY B 64 -17.81 -3.05 -6.60
N HIS B 65 -16.94 -4.03 -6.34
N HIS B 65 -16.94 -4.00 -6.31
CA HIS B 65 -17.28 -5.28 -5.62
CA HIS B 65 -17.31 -5.28 -5.63
C HIS B 65 -16.37 -5.38 -4.40
C HIS B 65 -16.39 -5.39 -4.41
N LEU B 66 -16.84 -6.06 -3.36
CA LEU B 66 -15.99 -6.42 -2.19
C LEU B 66 -15.13 -7.62 -2.58
N VAL B 67 -14.07 -7.88 -1.83
CA VAL B 67 -13.16 -9.04 -2.07
C VAL B 67 -13.27 -9.99 -0.89
N PRO B 68 -13.10 -11.32 -1.07
CA PRO B 68 -13.06 -12.23 0.08
C PRO B 68 -11.87 -11.97 1.00
N GLU B 69 -10.85 -11.25 0.52
CA GLU B 69 -9.61 -10.96 1.27
C GLU B 69 -9.92 -10.21 2.57
N LEU B 70 -11.02 -9.46 2.62
CA LEU B 70 -11.50 -8.78 3.85
C LEU B 70 -11.57 -9.76 5.02
N GLY B 71 -11.78 -11.05 4.77
CA GLY B 71 -11.94 -12.07 5.82
C GLY B 71 -10.64 -12.40 6.51
N VAL B 72 -9.52 -11.86 6.04
CA VAL B 72 -8.18 -12.07 6.65
C VAL B 72 -8.05 -11.13 7.88
N LEU B 73 -8.89 -10.10 8.01
CA LEU B 73 -8.78 -9.10 9.10
C LEU B 73 -9.38 -9.67 10.40
N LYS B 74 -8.65 -10.52 11.09
CA LYS B 74 -9.16 -11.38 12.21
C LYS B 74 -9.57 -10.55 13.44
N ASN B 75 -9.09 -9.31 13.61
CA ASN B 75 -9.44 -8.42 14.75
C ASN B 75 -10.42 -7.33 14.32
N LEU B 76 -10.84 -7.30 13.05
CA LEU B 76 -11.82 -6.27 12.61
C LEU B 76 -13.09 -6.41 13.45
N GLN B 77 -13.58 -5.29 13.96
CA GLN B 77 -14.79 -5.24 14.83
C GLN B 77 -15.90 -4.46 14.14
N TYR B 78 -15.56 -3.40 13.40
CA TYR B 78 -16.55 -2.50 12.75
C TYR B 78 -16.23 -2.43 11.25
N LEU B 79 -17.10 -3.02 10.45
CA LEU B 79 -17.04 -2.89 8.98
C LEU B 79 -18.15 -1.94 8.52
N GLU B 80 -17.78 -0.73 8.13
CA GLU B 80 -18.71 0.39 7.83
C GLU B 80 -18.55 0.72 6.36
N LEU B 81 -19.37 0.11 5.50
CA LEU B 81 -19.34 0.32 4.02
C LEU B 81 -20.71 0.81 3.55
N TYR B 82 -21.52 1.34 4.47
CA TYR B 82 -22.91 1.75 4.18
C TYR B 82 -22.96 3.01 3.31
N SER B 83 -24.14 3.30 2.76
CA SER B 83 -24.43 4.49 1.91
C SER B 83 -23.38 4.63 0.79
N ASN B 84 -23.17 3.55 0.02
CA ASN B 84 -22.31 3.56 -1.20
C ASN B 84 -23.10 2.94 -2.37
N ASN B 85 -22.47 2.73 -3.53
CA ASN B 85 -23.10 2.06 -4.71
C ASN B 85 -22.40 0.72 -4.94
N ILE B 86 -21.93 0.05 -3.90
CA ILE B 86 -21.17 -1.22 -4.08
C ILE B 86 -22.14 -2.27 -4.62
N THR B 87 -21.73 -2.96 -5.68
CA THR B 87 -22.54 -4.00 -6.34
C THR B 87 -21.89 -5.34 -6.07
N GLY B 88 -22.58 -6.41 -6.41
CA GLY B 88 -22.02 -7.77 -6.37
C GLY B 88 -22.52 -8.49 -5.12
N PRO B 89 -21.97 -9.68 -4.77
CA PRO B 89 -22.44 -10.39 -3.59
C PRO B 89 -21.66 -10.06 -2.30
N ILE B 90 -22.27 -10.33 -1.16
CA ILE B 90 -21.57 -10.34 0.15
C ILE B 90 -20.65 -11.54 0.12
N PRO B 91 -19.32 -11.33 0.04
CA PRO B 91 -18.36 -12.44 0.04
C PRO B 91 -18.62 -13.34 1.26
N SER B 92 -18.74 -14.62 1.00
CA SER B 92 -18.90 -15.69 2.01
C SER B 92 -17.81 -15.55 3.08
N ASN B 93 -16.59 -15.20 2.65
CA ASN B 93 -15.38 -15.15 3.53
C ASN B 93 -15.54 -14.08 4.63
N LEU B 94 -16.53 -13.19 4.58
CA LEU B 94 -16.83 -12.23 5.68
C LEU B 94 -17.16 -13.00 6.95
N GLY B 95 -17.61 -14.26 6.82
CA GLY B 95 -17.92 -15.13 7.96
C GLY B 95 -16.68 -15.54 8.72
N ASN B 96 -15.48 -15.22 8.21
CA ASN B 96 -14.20 -15.57 8.85
C ASN B 96 -13.77 -14.46 9.82
N LEU B 97 -14.49 -13.33 9.83
CA LEU B 97 -14.18 -12.16 10.68
C LEU B 97 -14.62 -12.45 12.12
N THR B 98 -13.89 -13.31 12.85
CA THR B 98 -14.29 -13.86 14.17
C THR B 98 -14.61 -12.75 15.20
N ASN B 99 -14.00 -11.57 15.11
CA ASN B 99 -14.19 -10.50 16.13
C ASN B 99 -15.16 -9.40 15.68
N LEU B 100 -15.84 -9.56 14.54
CA LEU B 100 -16.74 -8.48 14.04
C LEU B 100 -17.90 -8.24 15.00
N VAL B 101 -18.18 -6.97 15.30
CA VAL B 101 -19.30 -6.52 16.17
C VAL B 101 -20.39 -5.88 15.30
N SER B 102 -19.99 -5.16 14.26
CA SER B 102 -20.90 -4.46 13.33
C SER B 102 -20.62 -4.87 11.88
N LEU B 103 -21.64 -5.38 11.18
CA LEU B 103 -21.62 -5.52 9.69
C LEU B 103 -22.65 -4.55 9.11
N ASP B 104 -22.19 -3.46 8.52
CA ASP B 104 -23.06 -2.36 8.06
C ASP B 104 -22.84 -2.19 6.57
N LEU B 105 -23.61 -2.92 5.77
CA LEU B 105 -23.50 -2.94 4.28
C LEU B 105 -24.76 -2.30 3.70
N TYR B 106 -25.54 -1.62 4.55
CA TYR B 106 -26.85 -1.05 4.17
C TYR B 106 -26.68 0.09 3.16
N LEU B 107 -27.78 0.46 2.48
CA LEU B 107 -27.79 1.53 1.45
C LEU B 107 -26.69 1.23 0.41
N ASN B 108 -26.72 0.04 -0.18
CA ASN B 108 -25.82 -0.34 -1.31
C ASN B 108 -26.64 -1.04 -2.40
N SER B 109 -25.99 -1.58 -3.44
CA SER B 109 -26.66 -2.37 -4.52
C SER B 109 -26.29 -3.85 -4.42
N PHE B 110 -26.02 -4.35 -3.23
CA PHE B 110 -25.59 -5.77 -3.03
C PHE B 110 -26.68 -6.72 -3.50
N SER B 111 -26.30 -7.80 -4.19
CA SER B 111 -27.24 -8.82 -4.72
C SER B 111 -26.83 -10.21 -4.24
N GLY B 112 -27.66 -11.21 -4.51
CA GLY B 112 -27.37 -12.61 -4.15
C GLY B 112 -27.84 -12.89 -2.74
N PRO B 113 -27.49 -14.07 -2.17
CA PRO B 113 -27.99 -14.47 -0.86
C PRO B 113 -27.13 -13.97 0.31
N ILE B 114 -27.76 -13.79 1.47
CA ILE B 114 -27.01 -13.56 2.72
C ILE B 114 -26.25 -14.85 3.02
N PRO B 115 -24.90 -14.81 3.00
CA PRO B 115 -24.11 -16.02 3.19
C PRO B 115 -24.43 -16.68 4.53
N GLU B 116 -24.59 -17.99 4.56
CA GLU B 116 -24.83 -18.77 5.80
C GLU B 116 -23.61 -18.67 6.71
N SER B 117 -22.44 -18.38 6.15
CA SER B 117 -21.15 -18.15 6.87
C SER B 117 -21.30 -17.03 7.92
N LEU B 118 -22.23 -16.09 7.72
CA LEU B 118 -22.42 -14.93 8.63
C LEU B 118 -22.84 -15.41 10.02
N GLY B 119 -23.35 -16.63 10.14
CA GLY B 119 -23.73 -17.21 11.44
C GLY B 119 -22.53 -17.62 12.23
N LYS B 120 -21.33 -17.55 11.66
CA LYS B 120 -20.06 -17.89 12.38
C LYS B 120 -19.53 -16.66 13.13
N LEU B 121 -20.19 -15.50 12.99
CA LEU B 121 -19.78 -14.24 13.64
C LEU B 121 -20.40 -14.19 15.05
N SER B 122 -19.83 -14.96 15.98
CA SER B 122 -20.35 -15.21 17.36
C SER B 122 -20.34 -13.95 18.25
N LYS B 123 -19.69 -12.86 17.85
CA LYS B 123 -19.61 -11.63 18.67
C LYS B 123 -20.41 -10.50 18.02
N LEU B 124 -21.11 -10.77 16.91
CA LEU B 124 -21.79 -9.71 16.13
C LEU B 124 -22.97 -9.19 16.94
N ARG B 125 -23.14 -7.88 16.96
CA ARG B 125 -24.21 -7.20 17.73
C ARG B 125 -25.06 -6.39 16.76
N PHE B 126 -24.44 -5.81 15.74
CA PHE B 126 -25.15 -4.98 14.74
C PHE B 126 -25.03 -5.66 13.35
N LEU B 127 -26.17 -6.02 12.76
CA LEU B 127 -26.23 -6.57 11.37
C LEU B 127 -27.21 -5.72 10.55
N ARG B 128 -26.70 -4.75 9.79
CA ARG B 128 -27.58 -3.86 8.99
C ARG B 128 -27.29 -4.10 7.52
N LEU B 129 -28.16 -4.86 6.84
CA LEU B 129 -28.03 -5.21 5.40
C LEU B 129 -29.19 -4.60 4.62
N ASN B 130 -29.93 -3.69 5.24
CA ASN B 130 -31.15 -3.08 4.67
C ASN B 130 -30.79 -2.21 3.45
N ASN B 131 -31.78 -1.95 2.61
CA ASN B 131 -31.66 -1.16 1.36
C ASN B 131 -30.57 -1.73 0.45
N ASN B 132 -30.69 -3.02 0.15
CA ASN B 132 -29.91 -3.74 -0.90
C ASN B 132 -30.89 -4.51 -1.79
N SER B 133 -30.37 -5.30 -2.75
CA SER B 133 -31.14 -6.17 -3.67
C SER B 133 -30.92 -7.63 -3.28
N LEU B 134 -30.79 -7.92 -1.98
CA LEU B 134 -30.50 -9.30 -1.51
C LEU B 134 -31.72 -10.19 -1.73
N THR B 135 -31.47 -11.43 -2.16
CA THR B 135 -32.49 -12.47 -2.44
C THR B 135 -32.26 -13.70 -1.55
N GLY B 136 -33.26 -14.59 -1.51
CA GLY B 136 -33.15 -15.92 -0.91
C GLY B 136 -33.71 -15.91 0.50
N SER B 137 -33.48 -16.99 1.25
CA SER B 137 -34.02 -17.12 2.63
C SER B 137 -32.96 -16.55 3.59
N ILE B 138 -33.41 -16.12 4.76
CA ILE B 138 -32.54 -15.63 5.85
C ILE B 138 -31.96 -16.85 6.53
N PRO B 139 -30.62 -16.99 6.54
CA PRO B 139 -29.97 -18.18 7.08
C PRO B 139 -30.33 -18.41 8.55
N MET B 140 -30.74 -19.62 8.87
CA MET B 140 -31.11 -20.04 10.24
C MET B 140 -29.91 -19.89 11.19
N SER B 141 -28.68 -20.00 10.67
CA SER B 141 -27.40 -19.90 11.43
C SER B 141 -27.34 -18.54 12.16
N LEU B 142 -27.99 -17.50 11.62
CA LEU B 142 -28.06 -16.16 12.26
C LEU B 142 -28.65 -16.27 13.67
N THR B 143 -29.57 -17.20 13.89
CA THR B 143 -30.22 -17.39 15.21
C THR B 143 -29.19 -17.87 16.24
N ASN B 144 -28.05 -18.36 15.78
CA ASN B 144 -26.98 -18.88 16.66
C ASN B 144 -26.09 -17.75 17.18
N ILE B 145 -26.23 -16.53 16.66
CA ILE B 145 -25.47 -15.36 17.15
C ILE B 145 -26.18 -14.82 18.40
N THR B 146 -25.79 -15.30 19.57
CA THR B 146 -26.41 -14.92 20.87
C THR B 146 -26.19 -13.43 21.17
N THR B 147 -25.20 -12.80 20.56
CA THR B 147 -24.85 -11.39 20.85
C THR B 147 -25.68 -10.41 20.00
N LEU B 148 -26.41 -10.88 18.99
CA LEU B 148 -27.10 -9.97 18.04
C LEU B 148 -28.12 -9.11 18.80
N GLN B 149 -28.06 -7.80 18.64
CA GLN B 149 -28.96 -6.87 19.35
C GLN B 149 -29.70 -6.00 18.34
N VAL B 150 -29.07 -5.66 17.22
CA VAL B 150 -29.70 -4.81 16.16
C VAL B 150 -29.68 -5.59 14.85
N LEU B 151 -30.83 -5.73 14.21
CA LEU B 151 -30.96 -6.44 12.92
C LEU B 151 -31.80 -5.59 11.98
N ASP B 152 -31.33 -5.34 10.77
CA ASP B 152 -32.14 -4.65 9.74
C ASP B 152 -31.91 -5.31 8.38
N LEU B 153 -32.84 -6.16 7.95
CA LEU B 153 -32.78 -6.86 6.64
C LEU B 153 -33.90 -6.30 5.78
N SER B 154 -34.46 -5.15 6.18
CA SER B 154 -35.63 -4.51 5.51
C SER B 154 -35.23 -3.95 4.13
N ASN B 155 -36.21 -3.71 3.25
CA ASN B 155 -35.98 -3.17 1.87
C ASN B 155 -34.96 -4.04 1.13
N ASN B 156 -35.18 -5.34 1.14
CA ASN B 156 -34.43 -6.31 0.28
C ASN B 156 -35.46 -7.04 -0.60
N ARG B 157 -35.00 -8.03 -1.36
CA ARG B 157 -35.86 -8.92 -2.20
C ARG B 157 -35.84 -10.33 -1.55
N LEU B 158 -35.83 -10.40 -0.22
CA LEU B 158 -35.73 -11.71 0.50
C LEU B 158 -37.07 -12.44 0.48
N SER B 159 -37.03 -13.76 0.73
CA SER B 159 -38.23 -14.61 0.73
C SER B 159 -38.03 -15.78 1.71
N GLY B 160 -39.11 -16.49 2.05
CA GLY B 160 -39.04 -17.70 2.88
C GLY B 160 -39.33 -17.42 4.34
N SER B 161 -39.14 -18.44 5.19
CA SER B 161 -39.44 -18.39 6.64
C SER B 161 -38.51 -17.39 7.34
N VAL B 162 -39.05 -16.59 8.24
CA VAL B 162 -38.25 -15.69 9.12
C VAL B 162 -38.09 -16.42 10.44
N PRO B 163 -36.85 -16.72 10.88
CA PRO B 163 -36.64 -17.43 12.14
C PRO B 163 -37.19 -16.62 13.34
N ASP B 164 -37.80 -17.27 14.33
CA ASP B 164 -38.27 -16.58 15.56
C ASP B 164 -37.56 -17.16 16.81
N ASN B 165 -36.53 -18.01 16.64
CA ASN B 165 -35.82 -18.69 17.76
C ASN B 165 -34.43 -18.07 17.98
N GLY B 166 -33.81 -18.40 19.12
CA GLY B 166 -32.50 -17.88 19.57
C GLY B 166 -32.51 -16.37 19.68
N SER B 167 -31.52 -15.72 19.06
CA SER B 167 -31.38 -14.24 19.05
C SER B 167 -32.57 -13.58 18.35
N PHE B 168 -33.22 -14.27 17.40
CA PHE B 168 -34.29 -13.69 16.55
C PHE B 168 -35.60 -13.48 17.34
N SER B 169 -35.77 -14.08 18.51
CA SER B 169 -37.06 -14.03 19.24
C SER B 169 -37.42 -12.57 19.57
N LEU B 170 -36.43 -11.74 19.91
CA LEU B 170 -36.68 -10.35 20.36
C LEU B 170 -37.00 -9.47 19.15
N PHE B 171 -36.65 -9.88 17.93
CA PHE B 171 -36.76 -8.97 16.77
C PHE B 171 -38.23 -8.71 16.42
N THR B 172 -38.49 -7.53 15.87
CA THR B 172 -39.86 -7.03 15.55
C THR B 172 -40.00 -6.91 14.04
N PRO B 173 -41.23 -6.74 13.51
CA PRO B 173 -41.47 -6.63 12.06
C PRO B 173 -40.68 -5.57 11.29
N ILE B 174 -40.33 -4.44 11.91
CA ILE B 174 -39.62 -3.33 11.20
C ILE B 174 -38.25 -3.86 10.71
N SER B 175 -37.68 -4.85 11.39
CA SER B 175 -36.39 -5.48 11.01
C SER B 175 -36.51 -6.20 9.66
N PHE B 176 -37.66 -6.79 9.34
CA PHE B 176 -37.80 -7.64 8.14
C PHE B 176 -38.76 -7.02 7.12
N ALA B 177 -38.98 -5.70 7.15
CA ALA B 177 -40.06 -5.05 6.37
C ALA B 177 -39.66 -4.94 4.90
N ASN B 178 -40.65 -4.76 4.01
CA ASN B 178 -40.47 -4.53 2.55
C ASN B 178 -39.57 -5.61 1.93
N ASN B 179 -39.86 -6.88 2.21
CA ASN B 179 -39.15 -8.00 1.52
C ASN B 179 -40.10 -8.65 0.49
N LEU B 180 -39.54 -9.33 -0.52
CA LEU B 180 -40.32 -9.88 -1.66
C LEU B 180 -41.37 -10.90 -1.20
N ASP B 181 -41.04 -11.93 -0.43
CA ASP B 181 -42.05 -12.91 0.02
C ASP B 181 -41.67 -13.54 1.36
N LEU B 182 -41.52 -12.73 2.41
CA LEU B 182 -41.17 -13.26 3.75
C LEU B 182 -42.43 -13.81 4.41
N CYS B 183 -42.32 -14.97 5.05
CA CYS B 183 -43.43 -15.59 5.80
C CYS B 183 -42.94 -15.92 7.21
N GLY B 184 -43.86 -16.02 8.16
CA GLY B 184 -43.49 -16.42 9.53
C GLY B 184 -44.25 -15.59 10.55
N PRO B 185 -44.06 -15.89 11.86
CA PRO B 185 -44.88 -15.29 12.91
C PRO B 185 -44.69 -13.77 12.95
N VAL B 186 -43.44 -13.30 12.82
CA VAL B 186 -43.12 -11.84 12.78
C VAL B 186 -43.85 -11.22 11.59
N THR B 187 -43.93 -11.91 10.46
CA THR B 187 -44.60 -11.43 9.23
C THR B 187 -46.11 -11.35 9.49
N SER B 188 -46.65 -12.24 10.32
CA SER B 188 -48.12 -12.44 10.59
C SER B 188 -48.79 -13.21 9.44
N HIS B 189 -48.03 -13.56 8.39
CA HIS B 189 -48.44 -14.43 7.26
C HIS B 189 -47.89 -15.82 7.54
N PRO B 190 -48.71 -16.81 7.95
CA PRO B 190 -48.18 -18.15 8.25
C PRO B 190 -47.50 -18.76 7.01
N CYS B 191 -46.45 -19.55 7.21
CA CYS B 191 -45.72 -20.28 6.13
C CYS B 191 -46.49 -21.54 5.71
N PRO B 192 -46.39 -22.02 4.44
CA PRO B 192 -46.92 -23.33 4.07
C PRO B 192 -46.49 -24.45 5.03
N TYR C 1 -0.78 -3.83 -20.74
CA TYR C 1 0.62 -3.57 -20.31
C TYR C 1 0.81 -3.90 -18.84
N VAL C 2 1.58 -4.95 -18.54
CA VAL C 2 1.94 -5.34 -17.15
C VAL C 2 3.18 -4.53 -16.75
N PRO C 3 3.09 -3.49 -15.87
CA PRO C 3 4.23 -2.65 -15.55
C PRO C 3 5.23 -3.46 -14.71
N VAL C 4 6.52 -3.36 -15.01
CA VAL C 4 7.55 -4.24 -14.37
C VAL C 4 8.37 -3.38 -13.41
N PRO C 5 8.44 -3.76 -12.11
CA PRO C 5 9.19 -2.99 -11.13
C PRO C 5 10.68 -3.03 -11.51
N ALA C 6 11.34 -1.89 -11.54
CA ALA C 6 12.78 -1.77 -11.86
C ALA C 6 13.62 -2.53 -10.83
N SER C 7 14.89 -2.81 -11.13
CA SER C 7 15.86 -3.37 -10.18
C SER C 7 16.25 -2.24 -9.25
N GLY C 8 15.99 -2.37 -7.96
CA GLY C 8 16.32 -1.27 -7.04
C GLY C 8 15.95 -1.60 -5.60
N HYP C 9 16.22 -0.66 -4.67
CA HYP C 9 15.91 -0.85 -3.25
C HYP C 9 14.42 -1.03 -2.97
O HYP C 9 13.61 -0.43 -3.62
CB HYP C 9 16.45 0.45 -2.62
CG HYP C 9 17.54 0.91 -3.57
CD HYP C 9 16.88 0.63 -4.92
OD1 HYP C 9 18.73 0.13 -3.38
N SER C 10 14.09 -1.89 -2.01
CA SER C 10 12.72 -2.04 -1.46
C SER C 10 12.31 -0.72 -0.81
N ARG C 11 11.03 -0.50 -0.60
CA ARG C 11 10.49 0.83 -0.22
C ARG C 11 9.62 0.71 1.04
N LYS C 12 9.74 -0.37 1.82
CA LYS C 12 8.85 -0.48 3.01
C LYS C 12 9.21 0.66 3.98
N HIS C 13 8.23 1.34 4.56
CA HIS C 13 8.49 2.47 5.49
C HIS C 13 7.38 2.54 6.54
N ASN C 14 7.67 3.21 7.67
CA ASN C 14 6.71 3.42 8.78
C ASN C 14 5.80 4.62 8.48
C1 NAG D . -4.43 -13.51 -32.24
C2 NAG D . -5.53 -14.57 -32.22
C3 NAG D . -6.22 -14.51 -33.58
C4 NAG D . -6.74 -13.10 -33.86
C5 NAG D . -5.58 -12.09 -33.77
C6 NAG D . -6.04 -10.65 -33.99
C7 NAG D . -4.94 -16.49 -30.82
C8 NAG D . -4.23 -17.81 -30.73
N2 NAG D . -4.96 -15.91 -32.02
O3 NAG D . -7.27 -15.48 -33.65
O4 NAG D . -7.31 -13.07 -35.18
O5 NAG D . -4.96 -12.21 -32.49
O6 NAG D . -7.12 -10.30 -33.10
O7 NAG D . -5.42 -15.94 -29.84
C1 NAG D . -8.38 -12.40 -35.63
C2 NAG D . -8.59 -11.94 -37.08
C3 NAG D . -10.00 -11.43 -37.32
C4 NAG D . -10.97 -12.51 -36.84
C5 NAG D . -10.76 -12.65 -35.33
C6 NAG D . -11.75 -13.54 -34.60
C7 NAG D . -6.57 -11.09 -38.16
C8 NAG D . -5.68 -9.91 -38.45
N2 NAG D . -7.67 -10.87 -37.45
O3 NAG D . -10.17 -11.12 -38.70
O4 NAG D . -12.33 -12.26 -37.26
O5 NAG D . -9.45 -13.21 -35.16
O6 NAG D . -11.62 -13.25 -33.20
O7 NAG D . -6.29 -12.20 -38.58
C1 BMA D . -13.21 -12.92 -38.07
C2 BMA D . -14.61 -12.72 -37.46
C3 BMA D . -15.62 -12.30 -38.54
C4 BMA D . -15.02 -11.20 -39.43
C5 BMA D . -13.65 -11.65 -39.97
C6 BMA D . -13.03 -10.68 -40.97
O2 BMA D . -14.56 -11.74 -36.40
O3 BMA D . -16.87 -11.87 -37.94
O4 BMA D . -15.91 -10.91 -40.51
O5 BMA D . -12.79 -11.79 -38.84
O6 BMA D . -12.74 -9.43 -40.32
C1 MAN D . -17.59 -11.47 -36.86
C2 MAN D . -17.83 -12.65 -35.91
C3 MAN D . -18.89 -12.28 -34.88
C4 MAN D . -18.51 -10.98 -34.16
C5 MAN D . -18.25 -9.88 -35.19
C6 MAN D . -17.84 -8.57 -34.54
O2 MAN D . -16.63 -13.04 -35.24
O3 MAN D . -19.05 -13.33 -33.91
O4 MAN D . -19.54 -10.58 -33.25
O5 MAN D . -17.21 -10.33 -36.06
O6 MAN D . -18.99 -7.79 -34.24
C1 FUC D . -7.42 -16.52 -34.51
C2 FUC D . -8.29 -17.56 -33.80
C3 FUC D . -9.76 -17.18 -34.01
C4 FUC D . -10.07 -17.18 -35.51
C5 FUC D . -9.09 -16.29 -36.28
C6 FUC D . -9.27 -16.42 -37.79
O2 FUC D . -7.93 -17.64 -32.42
O3 FUC D . -10.64 -18.05 -33.29
O4 FUC D . -9.99 -18.50 -36.04
O5 FUC D . -7.72 -16.58 -35.92
C1 FUC D . -7.51 -9.26 -32.35
C2 FUC D . -8.85 -9.09 -31.64
C3 FUC D . -9.06 -10.13 -30.53
C4 FUC D . -7.87 -10.15 -29.59
C5 FUC D . -6.60 -10.39 -30.40
C6 FUC D . -5.34 -10.43 -29.53
O2 FUC D . -9.90 -9.23 -32.60
O3 FUC D . -10.24 -9.79 -29.80
O4 FUC D . -7.78 -8.89 -28.91
O5 FUC D . -6.48 -9.33 -31.37
C1 NAG E . 1.65 1.22 -25.15
C2 NAG E . 1.95 2.59 -24.57
C3 NAG E . 0.62 3.29 -24.39
C4 NAG E . -0.05 3.37 -25.76
C5 NAG E . -0.30 1.98 -26.32
C6 NAG E . -0.89 1.98 -27.73
C7 NAG E . 3.92 2.68 -23.10
C8 NAG E . 4.36 2.42 -21.70
N2 NAG E . 2.63 2.42 -23.30
O3 NAG E . 0.85 4.60 -23.85
O4 NAG E . -1.30 4.05 -25.67
O5 NAG E . 0.96 1.34 -26.39
O6 NAG E . -1.90 0.98 -27.77
O7 NAG E . 4.68 3.10 -23.96
C1 NAG E . -2.24 4.96 -25.65
C2 NAG E . -3.67 5.31 -25.98
C3 NAG E . -3.74 6.63 -26.73
C4 NAG E . -2.93 7.70 -26.01
C5 NAG E . -1.50 7.21 -25.81
C6 NAG E . -0.58 8.19 -25.09
C7 NAG E . -4.53 3.06 -26.33
C8 NAG E . -5.03 2.07 -27.35
N2 NAG E . -4.19 4.25 -26.81
O3 NAG E . -5.09 7.07 -26.81
O4 NAG E . -3.00 8.92 -26.75
O5 NAG E . -1.55 6.03 -25.02
O6 NAG E . -0.87 8.15 -23.68
O7 NAG E . -4.46 2.77 -25.16
C1 BMA E . -3.62 9.78 -27.56
C2 BMA E . -3.15 11.13 -28.11
C3 BMA E . -4.27 12.17 -28.03
C4 BMA E . -5.55 11.60 -28.66
C5 BMA E . -5.91 10.24 -28.06
C6 BMA E . -7.16 9.61 -28.71
O2 BMA E . -2.67 10.95 -29.46
O3 BMA E . -3.85 13.39 -28.68
O4 BMA E . -6.63 12.52 -28.45
O5 BMA E . -4.80 9.37 -28.26
O6 BMA E . -7.81 8.65 -27.85
C1 MAN E . -2.74 14.15 -28.80
C2 MAN E . -2.62 15.55 -29.41
C3 MAN E . -1.76 15.56 -30.69
C4 MAN E . -0.38 14.93 -30.43
C5 MAN E . -0.61 13.52 -29.80
C6 MAN E . 0.64 12.70 -29.48
O2 MAN E . -2.07 16.46 -28.42
O3 MAN E . -1.63 16.90 -31.19
O4 MAN E . 0.41 14.90 -31.64
O5 MAN E . -1.39 13.68 -28.59
O6 MAN E . 1.81 13.26 -30.06
C1 MAN E . -8.70 8.11 -26.98
C2 MAN E . -8.17 7.49 -25.69
C3 MAN E . -8.68 6.07 -25.50
C4 MAN E . -10.21 6.06 -25.55
C5 MAN E . -10.69 6.76 -26.82
C6 MAN E . -12.22 6.85 -26.84
O2 MAN E . -8.56 8.29 -24.55
O3 MAN E . -8.23 5.51 -24.25
O4 MAN E . -10.67 4.72 -25.49
O5 MAN E . -10.13 8.08 -26.89
O6 MAN E . -12.75 6.41 -28.09
C1 NAG F . 29.20 -22.76 -25.16
C2 NAG F . 28.40 -23.85 -25.85
C3 NAG F . 29.16 -24.31 -27.07
C4 NAG F . 29.51 -23.10 -27.92
C5 NAG F . 30.30 -22.07 -27.10
C6 NAG F . 30.73 -20.83 -27.90
C7 NAG F . 27.04 -25.20 -24.29
C8 NAG F . 27.03 -26.42 -23.40
N2 NAG F . 28.18 -24.97 -24.96
O3 NAG F . 28.31 -25.22 -27.78
O4 NAG F . 30.28 -23.54 -29.05
O5 NAG F . 29.52 -21.65 -26.00
O6 NAG F . 29.62 -20.32 -28.63
O7 NAG F . 26.06 -24.47 -24.39
C1 NAG F . 30.00 -23.37 -30.34
C2 NAG F . 31.09 -23.37 -31.41
C3 NAG F . 30.50 -23.26 -32.80
C4 NAG F . 29.32 -24.21 -33.02
C5 NAG F . 28.30 -24.04 -31.89
C6 NAG F . 27.12 -25.01 -31.99
C7 NAG F . 33.16 -22.25 -30.57
C8 NAG F . 33.93 -20.97 -30.55
N2 NAG F . 32.00 -22.23 -31.24
O3 NAG F . 31.52 -23.57 -33.75
O4 NAG F . 28.77 -23.91 -34.31
O5 NAG F . 28.95 -24.29 -30.64
O6 NAG F . 27.63 -26.35 -31.90
O7 NAG F . 33.58 -23.26 -30.00
C1 BMA F . 28.87 -24.14 -35.63
C2 BMA F . 27.73 -24.91 -36.31
C3 BMA F . 28.12 -26.38 -36.46
C4 BMA F . 29.47 -26.51 -37.15
C5 BMA F . 30.50 -25.66 -36.42
C6 BMA F . 31.88 -25.75 -37.09
O2 BMA F . 27.45 -24.30 -37.58
O3 BMA F . 27.12 -27.10 -37.20
O4 BMA F . 29.86 -27.89 -37.18
O5 BMA F . 30.06 -24.31 -36.42
O6 BMA F . 32.49 -27.00 -36.77
C1 NAG G . 18.04 -5.56 -17.89
C2 NAG G . 17.32 -4.47 -18.69
C3 NAG G . 18.03 -3.13 -18.54
C4 NAG G . 18.04 -2.74 -17.06
C5 NAG G . 18.70 -3.83 -16.24
C6 NAG G . 18.57 -3.54 -14.74
C7 NAG G . 16.20 -5.52 -20.62
C8 NAG G . 16.16 -5.56 -22.11
N2 NAG G . 17.19 -4.77 -20.12
O3 NAG G . 17.39 -2.13 -19.32
O4 NAG G . 18.76 -1.50 -16.94
O5 NAG G . 18.05 -5.08 -16.51
O6 NAG G . 17.19 -3.59 -14.34
O7 NAG G . 15.38 -6.10 -19.90
C1 NAG G . 18.75 -0.45 -16.11
C2 NAG G . 19.89 0.57 -16.15
C3 NAG G . 19.33 1.95 -15.74
C4 NAG G . 18.12 2.27 -16.59
C5 NAG G . 17.07 1.15 -16.47
C6 NAG G . 15.76 1.43 -17.21
C7 NAG G . 22.12 -0.43 -15.74
C8 NAG G . 23.12 -0.82 -14.69
N2 NAG G . 20.98 0.13 -15.29
O3 NAG G . 20.30 2.97 -15.98
O4 NAG G . 17.56 3.55 -16.23
O5 NAG G . 17.67 -0.06 -16.96
O6 NAG G . 16.02 2.08 -18.45
O7 NAG G . 22.39 -0.62 -16.92
C1 BMA G . 17.79 4.80 -15.84
C2 BMA G . 16.71 5.88 -15.94
C3 BMA G . 17.09 6.92 -17.00
C4 BMA G . 18.53 7.40 -16.80
C5 BMA G . 19.50 6.22 -16.69
C6 BMA G . 20.97 6.64 -16.52
O2 BMA G . 16.55 6.50 -14.67
O3 BMA G . 16.13 8.01 -16.95
O4 BMA G . 18.92 8.21 -17.91
O5 BMA G . 19.05 5.42 -15.58
O6 BMA G . 21.16 7.69 -15.55
C1 MAN G . 15.37 8.99 -16.40
C2 MAN G . 14.56 9.75 -17.47
C3 MAN G . 13.17 10.08 -16.94
C4 MAN G . 12.53 8.85 -16.30
C5 MAN G . 13.46 8.27 -15.23
C6 MAN G . 12.84 7.11 -14.45
O2 MAN G . 14.47 8.99 -18.70
O3 MAN G . 12.33 10.57 -18.01
O4 MAN G . 11.26 9.19 -15.72
O5 MAN G . 14.66 7.85 -15.91
O6 MAN G . 12.12 6.24 -15.31
C1 MAN G . 21.32 8.42 -14.43
C2 MAN G . 20.64 8.04 -13.09
C3 MAN G . 19.38 8.90 -12.89
C4 MAN G . 19.73 10.39 -12.98
C5 MAN G . 20.55 10.67 -14.26
C6 MAN G . 21.07 12.12 -14.32
O2 MAN G . 21.54 8.20 -11.99
O3 MAN G . 18.79 8.63 -11.60
O4 MAN G . 18.50 11.11 -13.02
O5 MAN G . 21.68 9.81 -14.32
O6 MAN G . 20.43 12.98 -13.37
C1 NAG H . 0.59 16.03 0.80
C2 NAG H . 1.27 16.49 -0.51
C3 NAG H . 1.20 15.36 -1.54
C4 NAG H . 1.78 14.09 -0.96
C5 NAG H . 1.04 13.72 0.33
C6 NAG H . 1.52 12.40 0.96
C7 NAG H . 1.26 18.90 -1.05
C8 NAG H . 0.49 20.01 -1.71
N2 NAG H . 0.69 17.69 -1.10
O3 NAG H . 1.95 15.77 -2.69
O4 NAG H . 1.71 13.02 -1.92
O5 NAG H . 1.16 14.80 1.26
O6 NAG H . 2.91 12.45 1.34
O7 NAG H . 2.32 19.11 -0.50
C1 NAG H . 1.91 12.11 -2.87
C2 NAG H . 1.40 10.73 -3.28
C3 NAG H . 2.45 9.94 -4.07
C4 NAG H . 3.22 10.78 -5.09
C5 NAG H . 3.72 12.07 -4.42
C6 NAG H . 4.56 12.98 -5.33
C7 NAG H . -0.11 9.85 -1.50
C8 NAG H . -0.16 8.95 -0.29
N2 NAG H . 1.10 9.96 -2.07
O3 NAG H . 1.78 8.89 -4.78
O4 NAG H . 4.28 9.95 -5.61
O5 NAG H . 2.59 12.79 -3.94
O6 NAG H . 3.71 13.88 -6.04
O7 NAG H . -1.11 10.41 -1.94
C1 BMA H . 4.37 8.98 -6.54
C2 BMA H . 5.50 9.30 -7.53
C3 BMA H . 4.90 9.72 -8.87
C4 BMA H . 3.93 8.64 -9.36
C5 BMA H . 2.89 8.32 -8.29
C6 BMA H . 1.96 7.20 -8.77
O2 BMA H . 6.36 8.18 -7.69
O3 BMA H . 5.94 9.97 -9.84
O4 BMA H . 3.26 9.09 -10.54
O5 BMA H . 3.57 7.93 -7.11
O6 BMA H . 1.11 6.77 -7.71
C1 MAN H . 7.25 10.18 -10.16
C2 MAN H . 7.51 10.87 -11.51
C3 MAN H . 8.65 11.89 -11.35
C4 MAN H . 8.39 12.81 -10.16
C5 MAN H . 8.15 11.98 -8.91
C6 MAN H . 7.92 12.84 -7.67
O2 MAN H . 6.33 11.53 -11.98
O3 MAN H . 8.78 12.66 -12.55
O4 MAN H . 9.50 13.70 -9.97
O5 MAN H . 7.00 11.17 -9.15
O6 MAN H . 9.17 13.36 -7.20
C1 NAG I . 34.35 -21.57 -15.55
C2 NAG I . 33.96 -22.73 -14.65
C3 NAG I . 35.23 -23.53 -14.35
C4 NAG I . 35.88 -23.96 -15.67
C5 NAG I . 36.24 -22.71 -16.49
C6 NAG I . 36.96 -22.95 -17.84
C7 NAG I . 32.36 -22.86 -12.72
C8 NAG I . 31.88 -24.23 -13.10
N2 NAG I . 33.30 -22.22 -13.45
O3 NAG I . 34.97 -24.68 -13.54
O4 NAG I . 37.00 -24.85 -15.46
O5 NAG I . 35.01 -22.03 -16.73
O6 NAG I . 36.29 -23.82 -18.76
O7 NAG I . 31.88 -22.35 -11.74
C1 NAG I . 37.17 -25.98 -16.17
C2 NAG I . 36.37 -27.28 -15.97
C3 NAG I . 37.12 -28.25 -15.08
C4 NAG I . 38.57 -28.41 -15.53
C5 NAG I . 39.24 -27.04 -15.62
C6 NAG I . 40.72 -27.09 -16.01
C7 NAG I . 33.90 -27.39 -15.79
C8 NAG I . 32.70 -26.88 -15.04
N2 NAG I . 35.08 -26.96 -15.35
O3 NAG I . 36.45 -29.51 -15.12
O4 NAG I . 39.29 -29.27 -14.64
O5 NAG I . 38.51 -26.25 -16.57
O6 NAG I . 41.31 -25.81 -15.75
O7 NAG I . 33.76 -28.16 -16.73
C1 FUC I . 35.65 -24.37 -19.83
C2 FUC I . 34.29 -25.08 -19.99
C3 FUC I . 33.19 -24.25 -20.63
C4 FUC I . 33.66 -23.37 -21.79
C5 FUC I . 35.01 -22.70 -21.48
C6 FUC I . 35.53 -21.90 -22.67
O2 FUC I . 33.85 -25.49 -18.70
O3 FUC I . 32.16 -25.13 -21.12
O4 FUC I . 33.72 -24.13 -23.00
O5 FUC I . 35.98 -23.68 -21.07
C1 NAG J . 1.62 5.29 25.63
C2 NAG J . 1.95 3.88 26.11
C3 NAG J . 0.77 3.34 26.92
C4 NAG J . 0.41 4.36 27.99
C5 NAG J . 0.15 5.75 27.41
C6 NAG J . -0.21 6.76 28.51
C7 NAG J . 3.39 2.52 24.65
C8 NAG J . 3.46 1.55 23.51
N2 NAG J . 2.18 2.98 24.99
O3 NAG J . 1.08 2.06 27.50
O4 NAG J . -0.76 3.87 28.65
O5 NAG J . 1.31 6.19 26.69
O6 NAG J . 0.93 7.13 29.30
O7 NAG J . 4.40 2.85 25.26
C1 NAG J . -0.87 3.71 29.98
C2 NAG J . -2.27 3.74 30.61
C3 NAG J . -2.17 3.25 32.04
C4 NAG J . -1.60 1.83 32.01
C5 NAG J . -0.18 1.90 31.41
C6 NAG J . 0.56 0.56 31.31
C7 NAG J . -3.70 5.43 29.57
C8 NAG J . -4.16 6.86 29.55
N2 NAG J . -2.85 5.08 30.54
O3 NAG J . -3.47 3.31 32.64
O4 NAG J . -1.70 1.19 33.31
O5 NAG J . -0.29 2.41 30.08
O6 NAG J . 0.35 -0.08 30.03
O7 NAG J . -4.09 4.65 28.71
C1 BMA J . -2.50 0.26 33.89
C2 BMA J . -1.80 -0.65 34.89
C3 BMA J . -2.61 -0.77 36.19
C4 BMA J . -3.19 0.57 36.63
C5 BMA J . -3.82 1.35 35.48
C6 BMA J . -4.31 2.73 35.94
O2 BMA J . -0.47 -0.17 35.13
O3 BMA J . -1.75 -1.26 37.23
O4 BMA J . -4.20 0.32 37.61
O5 BMA J . -2.83 1.52 34.47
O6 BMA J . -5.43 3.12 35.16
C1 MAN J . -0.81 -1.02 38.15
C2 MAN J . 0.39 -0.08 38.01
C3 MAN J . 1.62 -0.87 37.56
C4 MAN J . 1.89 -2.02 38.54
C5 MAN J . 0.62 -2.85 38.74
C6 MAN J . 0.80 -3.92 39.82
O2 MAN J . 0.66 0.58 39.26
O3 MAN J . 2.77 -0.01 37.49
O4 MAN J . 2.93 -2.84 37.99
O5 MAN J . -0.45 -1.99 39.15
O6 MAN J . 1.89 -4.80 39.50
C1 NAG K . -26.90 -23.52 15.04
C2 NAG K . -26.42 -24.30 13.80
C3 NAG K . -26.75 -25.78 13.96
C4 NAG K . -26.03 -26.28 15.21
C5 NAG K . -26.54 -25.51 16.42
C6 NAG K . -25.81 -25.92 17.70
C7 NAG K . -28.11 -23.74 12.07
C8 NAG K . -28.30 -23.33 10.64
N2 NAG K . -26.85 -23.77 12.50
O3 NAG K . -26.35 -26.53 12.80
O4 NAG K . -26.22 -27.70 15.38
O5 NAG K . -26.31 -24.12 16.20
O6 NAG K . -24.38 -25.98 17.51
O7 NAG K . -29.05 -24.04 12.79
C1 NAG K . -25.29 -28.67 15.34
C2 NAG K . -25.63 -30.06 15.90
C3 NAG K . -24.38 -30.94 15.86
C4 NAG K . -23.80 -30.96 14.44
C5 NAG K . -23.47 -29.53 14.01
C6 NAG K . -22.94 -29.52 12.58
C7 NAG K . -27.45 -29.93 17.59
C8 NAG K . -27.76 -29.91 19.07
N2 NAG K . -26.14 -29.98 17.27
O3 NAG K . -24.70 -32.28 16.28
O4 NAG K . -22.64 -31.81 14.39
O5 NAG K . -24.66 -28.75 14.07
O6 NAG K . -22.99 -28.18 12.08
O7 NAG K . -28.35 -29.92 16.76
C1 BMA K . -22.49 -33.14 14.25
C2 BMA K . -21.65 -33.47 13.02
C3 BMA K . -22.04 -34.85 12.45
C4 BMA K . -22.06 -35.91 13.54
C5 BMA K . -22.98 -35.40 14.66
C6 BMA K . -23.22 -36.39 15.79
O2 BMA K . -20.26 -33.42 13.36
O3 BMA K . -21.13 -35.26 11.42
O4 BMA K . -22.49 -37.17 13.03
O5 BMA K . -22.42 -34.21 15.18
O6 BMA K . -24.22 -35.81 16.62
C1 MAN K . -20.83 -35.52 10.15
C2 MAN K . -19.66 -36.52 10.24
C3 MAN K . -18.33 -35.79 9.99
C4 MAN K . -18.39 -34.90 8.74
C5 MAN K . -19.63 -34.01 8.78
C6 MAN K . -19.74 -33.12 7.54
O2 MAN K . -19.89 -37.60 9.33
O3 MAN K . -17.26 -36.73 9.87
O4 MAN K . -17.21 -34.08 8.68
O5 MAN K . -20.79 -34.84 8.89
O6 MAN K . -20.81 -32.19 7.70
C1 MAN K . -24.95 -36.37 17.58
C2 MAN K . -25.99 -35.35 18.06
C3 MAN K . -25.28 -34.35 19.02
C4 MAN K . -24.54 -35.11 20.14
C5 MAN K . -23.57 -36.13 19.49
C6 MAN K . -22.68 -36.90 20.47
O2 MAN K . -27.10 -36.03 18.67
O3 MAN K . -26.23 -33.40 19.53
O4 MAN K . -23.87 -34.17 21.01
O5 MAN K . -24.34 -37.03 18.69
O6 MAN K . -23.46 -37.61 21.43
C1 NAG L . -33.87 -22.54 15.33
C2 NAG L . -32.50 -23.13 15.73
C3 NAG L . -31.85 -23.75 14.48
C4 NAG L . -32.84 -24.77 13.87
C5 NAG L . -34.22 -24.15 13.58
C6 NAG L . -35.25 -25.10 12.94
C7 NAG L . -31.29 -22.14 17.64
C8 NAG L . -30.53 -20.95 18.16
N2 NAG L . -31.66 -22.11 16.35
O3 NAG L . -30.58 -24.33 14.81
O4 NAG L . -32.33 -25.28 12.64
O5 NAG L . -34.72 -23.57 14.80
O6 NAG L . -35.56 -26.28 13.70
O7 NAG L . -31.55 -23.05 18.40
C1 NAG L . -31.56 -26.12 11.98
C2 NAG L . -31.32 -26.59 10.54
C3 NAG L . -31.25 -28.12 10.44
C4 NAG L . -30.43 -28.74 11.58
C5 NAG L . -30.91 -28.21 12.93
C6 NAG L . -30.20 -28.82 14.13
C7 NAG L . -32.36 -25.03 8.93
C8 NAG L . -33.67 -24.62 8.32
N2 NAG L . -32.44 -26.08 9.77
O3 NAG L . -30.58 -28.43 9.22
O4 NAG L . -30.54 -30.17 11.51
O5 NAG L . -30.71 -26.78 12.93
O6 NAG L . -28.85 -28.38 14.17
O7 NAG L . -31.32 -24.44 8.68
C1 NAG M . -34.73 2.22 1.70
C2 NAG M . -34.77 3.74 1.52
C3 NAG M . -36.19 4.27 1.46
C4 NAG M . -37.01 3.46 0.43
C5 NAG M . -36.95 1.96 0.78
C6 NAG M . -37.69 1.10 -0.25
C7 NAG M . -33.19 5.32 2.47
C8 NAG M . -32.60 5.88 3.73
N2 NAG M . -34.09 4.37 2.64
O3 NAG M . -36.11 5.66 1.10
O4 NAG M . -38.38 3.92 0.40
O5 NAG M . -35.59 1.53 0.79
O6 NAG M . -37.17 1.33 -1.56
O7 NAG M . -32.86 5.73 1.36
C1 NAG M . -39.11 4.57 -0.54
C2 NAG M . -40.62 4.56 -0.21
C3 NAG M . -41.43 5.41 -1.20
C4 NAG M . -40.81 6.79 -1.41
C5 NAG M . -39.35 6.61 -1.84
C6 NAG M . -38.65 7.94 -2.10
C7 NAG M . -41.37 2.45 0.85
C8 NAG M . -41.90 1.08 0.60
N2 NAG M . -41.11 3.18 -0.24
O3 NAG M . -42.75 5.59 -0.70
O4 NAG M . -41.57 7.55 -2.35
O5 NAG M . -38.66 5.90 -0.80
O6 NAG M . -37.34 7.67 -2.60
O7 NAG M . -41.20 2.86 1.99
C1 NAG N . 8.55 -10.79 1.07
C2 NAG N . 7.39 -9.88 0.67
C3 NAG N . 6.09 -10.46 1.21
C4 NAG N . 5.88 -11.84 0.60
C5 NAG N . 7.08 -12.71 0.98
C6 NAG N . 6.97 -14.06 0.29
C7 NAG N . 8.27 -7.60 0.48
C8 NAG N . 8.19 -6.19 0.99
N2 NAG N . 7.50 -8.50 1.09
O3 NAG N . 5.00 -9.58 0.89
O4 NAG N . 4.62 -12.38 1.03
O5 NAG N . 8.31 -12.12 0.57
O6 NAG N . 8.10 -14.87 0.66
O7 NAG N . 8.98 -7.91 -0.45
C1 NAG O . -0.46 -17.98 -20.49
C2 NAG O . -1.78 -17.94 -21.29
C3 NAG O . -2.76 -19.05 -20.86
C4 NAG O . -2.06 -20.41 -20.73
C5 NAG O . -0.82 -20.28 -19.85
C6 NAG O . -0.08 -21.59 -19.61
C7 NAG O . -2.57 -15.64 -21.93
C8 NAG O . -2.85 -14.29 -21.34
N2 NAG O . -2.33 -16.59 -21.03
O3 NAG O . -3.80 -19.19 -21.83
O4 NAG O . -3.00 -21.40 -20.25
O5 NAG O . 0.07 -19.32 -20.45
O6 NAG O . 0.76 -21.88 -20.73
O7 NAG O . -2.54 -15.80 -23.13
S SO4 P . 2.06 30.81 19.89
O1 SO4 P . 0.66 30.83 19.55
O2 SO4 P . 2.84 30.45 18.74
O3 SO4 P . 2.46 32.12 20.34
O4 SO4 P . 2.29 29.85 20.94
S SO4 Q . 7.64 26.08 -0.05
O1 SO4 Q . 7.99 27.07 -1.03
O2 SO4 Q . 7.53 24.80 -0.70
O3 SO4 Q . 6.39 26.42 0.56
O4 SO4 Q . 8.66 26.02 0.96
S SO4 R . 24.33 -18.91 11.03
O1 SO4 R . 24.57 -17.70 10.27
O2 SO4 R . 23.53 -19.82 10.25
O3 SO4 R . 23.64 -18.57 12.24
O4 SO4 R . 25.60 -19.53 11.35
S SO4 S . 23.19 -24.92 -0.85
O1 SO4 S . 22.38 -25.28 -1.99
O2 SO4 S . 24.07 -26.02 -0.52
O3 SO4 S . 22.35 -24.64 0.29
O4 SO4 S . 23.98 -23.77 -1.16
S SO4 T . -23.37 0.91 22.86
O1 SO4 T . -23.08 -0.23 23.69
O2 SO4 T . -23.47 0.48 21.48
O3 SO4 T . -22.32 1.88 23.00
O4 SO4 T . -24.62 1.49 23.26
C1 NAG U . -12.94 -19.27 6.22
C2 NAG U . -13.62 -19.83 4.99
C3 NAG U . -13.23 -21.28 4.80
C4 NAG U . -11.73 -21.35 4.59
C5 NAG U . -11.06 -20.75 5.82
C6 NAG U . -9.53 -20.70 5.67
C7 NAG U . -15.77 -19.09 4.12
C8 NAG U . -17.25 -19.07 4.35
N2 NAG U . -15.07 -19.71 5.07
O3 NAG U . -13.92 -21.85 3.68
O4 NAG U . -11.33 -22.70 4.39
O5 NAG U . -11.53 -19.41 6.04
O6 NAG U . -8.90 -20.56 6.95
O7 NAG U . -15.26 -18.58 3.13
S SO4 V . -16.80 -4.07 21.84
O1 SO4 V . -18.15 -3.94 21.38
O2 SO4 V . -16.49 -5.46 22.00
O3 SO4 V . -16.65 -3.41 23.10
O4 SO4 V . -15.90 -3.48 20.87
#